data_4EWV
#
_entry.id   4EWV
#
_cell.length_a   116.348
_cell.length_b   116.348
_cell.length_c   94.663
_cell.angle_alpha   90.00
_cell.angle_beta   90.00
_cell.angle_gamma   90.00
#
_symmetry.space_group_name_H-M   'P 41'
#
loop_
_entity.id
_entity.type
_entity.pdbx_description
1 polymer '4-substituted benzoates-glutamate ligase GH3.12'
2 non-polymer 'DIPHOSPHOMETHYLPHOSPHONIC ACID ADENOSYL ESTER'
3 non-polymer 'MANGANESE (II) ION'
#
_entity_poly.entity_id   1
_entity_poly.type   'polypeptide(L)'
_entity_poly.pdbx_seq_one_letter_code
;GSHMASMKPIFDINETFEKQLKDLTSNVKSIQDNLLEEIITPNTKTEYLQRFLIDRFDKELFKKNVPIVSYEDIKPYLDR
VVNGESSDVISARTITGFLLSSGTSGGAQKMMPWNNKYLDNLTFIYDLRMQVITKHVKGVEEGKGMMFLFTKQESMTPSG
LPARVATSSYFKSDYFKNRPSNWYYSYTSPDEVILCPNNTESLYCHLLCGLVQRDEVVRTGSIFASVMVRAIEVLKNSWE
ELCSNIRSGHLSNWVTDLGCQNSVSLVLGGPRPELADTIEEICNQNSWKGIVKRLWPNTKYIETVVTGSMGQYVPMLNYY
CNDLPLVSTTYGSSETTFGINLDPLCKPEDVSYTFMPNMSYFEFIPMDGGDKNDVVDLEDVKLGCTYEPVVTNFAGLYRM
RVGDIVLVTGFYNNAPQFKFVRRENVVLSIDSDKTNEEDLFKAVSQAKLVLESSGLDLKDFTSYADTSTFPGHYVVYLEV
DTKEGEEKETAQFELDEEALSTCCLVMEESLDNVYKRCRFKDGSIGPLEIRVVRQGTFDSLMDFFISQGASTGQYKTPRC
IKSGKALQVLETCVVAKFFSI
;
_entity_poly.pdbx_strand_id   A,B
#
# COMPACT_ATOMS: atom_id res chain seq x y z
N ASN A 14 -12.65 27.74 -31.54
CA ASN A 14 -13.93 28.31 -31.94
C ASN A 14 -14.14 29.71 -31.39
N GLU A 15 -15.37 30.21 -31.50
CA GLU A 15 -15.72 31.53 -30.99
C GLU A 15 -15.68 31.55 -29.47
N THR A 16 -16.25 30.50 -28.86
CA THR A 16 -16.28 30.39 -27.40
C THR A 16 -14.88 30.23 -26.80
N PHE A 17 -14.04 29.42 -27.44
CA PHE A 17 -12.68 29.19 -26.97
C PHE A 17 -11.85 30.46 -27.06
N GLU A 18 -11.95 31.15 -28.19
CA GLU A 18 -11.26 32.42 -28.39
C GLU A 18 -11.73 33.44 -27.37
N LYS A 19 -13.04 33.48 -27.14
CA LYS A 19 -13.64 34.42 -26.19
C LYS A 19 -13.13 34.17 -24.78
N GLN A 20 -13.09 32.91 -24.38
CA GLN A 20 -12.60 32.54 -23.05
C GLN A 20 -11.12 32.90 -22.91
N LEU A 21 -10.33 32.53 -23.92
CA LEU A 21 -8.92 32.86 -23.95
C LEU A 21 -8.72 34.36 -23.79
N LYS A 22 -9.61 35.14 -24.40
CA LYS A 22 -9.58 36.59 -24.24
C LYS A 22 -9.95 36.99 -22.83
N ASP A 23 -10.89 36.27 -22.20
CA ASP A 23 -11.34 36.60 -20.85
C ASP A 23 -10.26 36.33 -19.82
N LEU A 24 -9.40 35.36 -20.11
CA LEU A 24 -8.25 35.10 -19.26
C LEU A 24 -7.24 36.25 -19.30
N THR A 25 -7.48 37.22 -20.17
CA THR A 25 -6.69 38.44 -20.23
C THR A 25 -7.58 39.65 -19.95
N SER A 26 -7.20 40.48 -18.98
CA SER A 26 -5.96 40.32 -18.23
C SER A 26 -6.20 39.66 -16.88
N ASN A 27 -5.43 38.60 -16.62
CA ASN A 27 -5.52 37.85 -15.37
C ASN A 27 -4.49 38.28 -14.32
N VAL A 28 -3.69 39.28 -14.67
CA VAL A 28 -2.50 39.64 -13.89
C VAL A 28 -2.73 39.83 -12.38
N LYS A 29 -3.81 40.53 -12.02
CA LYS A 29 -4.08 40.81 -10.62
C LYS A 29 -5.51 40.44 -10.20
N SER A 30 -6.48 41.14 -10.78
CA SER A 30 -7.88 41.09 -10.35
C SER A 30 -8.47 39.68 -10.24
N ILE A 31 -8.40 38.92 -11.32
CA ILE A 31 -8.98 37.57 -11.34
C ILE A 31 -8.20 36.65 -10.38
N GLN A 32 -6.89 36.84 -10.35
CA GLN A 32 -6.03 36.09 -9.44
C GLN A 32 -6.35 36.44 -7.99
N ASP A 33 -6.79 37.68 -7.76
CA ASP A 33 -7.19 38.12 -6.43
C ASP A 33 -8.57 37.60 -6.04
N ASN A 34 -9.42 37.39 -7.04
CA ASN A 34 -10.72 36.77 -6.82
C ASN A 34 -10.55 35.31 -6.45
N LEU A 35 -9.68 34.62 -7.19
CA LEU A 35 -9.34 33.24 -6.88
C LEU A 35 -8.66 33.16 -5.51
N LEU A 36 -7.88 34.20 -5.19
CA LEU A 36 -7.21 34.29 -3.91
C LEU A 36 -8.21 34.47 -2.77
N GLU A 37 -9.29 35.21 -3.05
CA GLU A 37 -10.33 35.43 -2.06
C GLU A 37 -11.14 34.16 -1.84
N GLU A 38 -11.51 33.50 -2.95
CA GLU A 38 -12.24 32.25 -2.89
C GLU A 38 -11.43 31.19 -2.14
N ILE A 39 -10.11 31.23 -2.35
CA ILE A 39 -9.18 30.44 -1.56
C ILE A 39 -9.25 30.76 -0.06
N ILE A 40 -8.89 31.99 0.27
CA ILE A 40 -8.73 32.45 1.66
C ILE A 40 -9.98 32.33 2.53
N THR A 41 -11.11 32.82 2.03
CA THR A 41 -12.34 32.93 2.83
C THR A 41 -12.75 31.67 3.62
N PRO A 42 -12.79 30.49 2.96
CA PRO A 42 -13.07 29.28 3.76
C PRO A 42 -11.92 28.96 4.71
N ASP A 58 -6.63 44.88 0.98
CA ASP A 58 -6.94 43.46 1.19
C ASP A 58 -5.76 42.58 0.81
N LYS A 59 -5.47 42.52 -0.48
CA LYS A 59 -4.35 41.73 -0.98
C LYS A 59 -3.02 42.29 -0.50
N GLU A 60 -2.99 43.60 -0.24
CA GLU A 60 -1.80 44.26 0.27
C GLU A 60 -1.49 43.81 1.70
N LEU A 61 -2.53 43.73 2.53
CA LEU A 61 -2.38 43.26 3.91
C LEU A 61 -1.97 41.80 3.93
N PHE A 62 -2.52 41.03 3.00
CA PHE A 62 -2.18 39.61 2.86
C PHE A 62 -0.70 39.45 2.50
N LYS A 63 -0.25 40.28 1.55
CA LYS A 63 1.14 40.27 1.13
C LYS A 63 2.06 40.71 2.27
N LYS A 64 1.55 41.60 3.12
CA LYS A 64 2.28 42.03 4.30
C LYS A 64 2.18 40.99 5.42
N ASN A 65 1.33 39.99 5.23
CA ASN A 65 1.11 38.96 6.24
C ASN A 65 1.63 37.60 5.82
N VAL A 66 1.04 37.04 4.77
CA VAL A 66 1.38 35.70 4.30
C VAL A 66 2.88 35.54 4.01
N SER A 70 8.23 26.15 1.66
CA SER A 70 8.68 24.95 0.94
C SER A 70 8.24 23.69 1.68
N TYR A 71 8.24 22.57 0.97
CA TYR A 71 7.82 21.30 1.57
C TYR A 71 8.82 20.81 2.60
N GLU A 72 10.04 21.33 2.54
CA GLU A 72 11.04 21.04 3.56
C GLU A 72 10.71 21.86 4.81
N ASP A 73 10.16 23.05 4.58
CA ASP A 73 9.69 23.91 5.65
C ASP A 73 8.32 23.41 6.13
N ILE A 74 7.49 22.98 5.19
CA ILE A 74 6.13 22.56 5.50
C ILE A 74 6.05 21.15 6.05
N LYS A 75 7.15 20.41 5.97
CA LYS A 75 7.20 19.02 6.42
C LYS A 75 6.75 18.82 7.88
N PRO A 76 7.22 19.68 8.80
CA PRO A 76 6.65 19.55 10.15
C PRO A 76 5.17 19.93 10.19
N TYR A 77 4.78 20.91 9.38
CA TYR A 77 3.38 21.36 9.34
C TYR A 77 2.46 20.43 8.53
N LEU A 78 2.99 19.85 7.45
CA LEU A 78 2.19 19.00 6.58
C LEU A 78 1.99 17.61 7.17
N ASP A 79 3.01 17.09 7.82
CA ASP A 79 2.97 15.74 8.39
C ASP A 79 2.13 15.65 9.65
N ARG A 80 1.67 16.80 10.14
CA ARG A 80 0.84 16.84 11.34
C ARG A 80 -0.53 16.21 11.13
N VAL A 81 -1.01 16.23 9.89
CA VAL A 81 -2.34 15.73 9.57
C VAL A 81 -2.35 14.22 9.26
N VAL A 82 -1.17 13.64 9.11
CA VAL A 82 -1.03 12.22 8.78
C VAL A 82 -0.88 11.36 10.04
N ASN A 83 -1.02 11.99 11.21
CA ASN A 83 -0.71 11.37 12.50
C ASN A 83 -1.37 10.01 12.73
N GLY A 84 -2.46 9.73 12.03
CA GLY A 84 -3.01 8.39 12.04
C GLY A 84 -3.80 8.00 10.81
N GLU A 85 -3.84 6.69 10.55
CA GLU A 85 -4.61 6.11 9.47
C GLU A 85 -5.10 4.75 9.95
N SER A 86 -6.34 4.40 9.58
CA SER A 86 -6.94 3.12 9.96
C SER A 86 -6.98 2.93 11.48
N GLN A 109 -5.72 17.46 11.34
CA GLN A 109 -6.64 17.51 10.21
C GLN A 109 -7.09 18.95 9.98
N LYS A 110 -6.17 19.78 9.52
CA LYS A 110 -6.45 21.19 9.21
C LYS A 110 -7.55 21.33 8.15
N MET A 111 -7.25 20.93 6.93
CA MET A 111 -8.19 21.03 5.81
C MET A 111 -8.60 19.66 5.29
N MET A 112 -9.40 19.64 4.23
CA MET A 112 -9.95 18.38 3.70
C MET A 112 -9.21 17.88 2.46
N PRO A 113 -8.38 16.83 2.63
CA PRO A 113 -7.71 16.12 1.53
C PRO A 113 -8.59 15.11 0.79
N TRP A 114 -8.39 14.98 -0.52
CA TRP A 114 -7.83 16.05 -1.33
C TRP A 114 -8.88 16.49 -2.36
N ASN A 115 -9.46 17.66 -2.17
CA ASN A 115 -10.37 18.22 -3.16
C ASN A 115 -9.63 19.14 -4.13
N ASN A 116 -8.38 19.42 -3.79
CA ASN A 116 -7.50 20.31 -4.54
C ASN A 116 -6.99 19.71 -5.85
N LYS A 117 -6.48 20.57 -6.72
CA LYS A 117 -5.99 20.15 -8.04
C LYS A 117 -7.06 19.51 -8.92
N TYR A 118 -6.86 18.22 -9.24
CA TYR A 118 -7.53 17.56 -10.35
C TYR A 118 -9.04 17.81 -10.46
N LEU A 119 -9.71 17.88 -9.32
CA LEU A 119 -11.13 18.25 -9.29
C LEU A 119 -11.40 19.53 -10.10
N ASP A 120 -10.84 20.65 -9.64
CA ASP A 120 -11.08 21.94 -10.28
C ASP A 120 -10.02 22.36 -11.30
N ASN A 121 -9.04 21.50 -11.56
CA ASN A 121 -7.91 21.90 -12.38
C ASN A 121 -7.68 21.13 -13.69
N LEU A 122 -7.34 19.85 -13.56
CA LEU A 122 -6.85 19.06 -14.69
C LEU A 122 -7.83 18.86 -15.85
N THR A 123 -9.10 18.67 -15.54
CA THR A 123 -10.12 18.48 -16.57
C THR A 123 -10.25 19.73 -17.43
N PHE A 124 -10.27 20.88 -16.77
CA PHE A 124 -10.30 22.18 -17.43
C PHE A 124 -9.14 22.32 -18.40
N ILE A 125 -7.95 21.99 -17.91
CA ILE A 125 -6.73 22.05 -18.73
C ILE A 125 -6.80 21.13 -19.93
N TYR A 126 -7.18 19.88 -19.71
CA TYR A 126 -7.30 18.89 -20.78
C TYR A 126 -8.27 19.36 -21.86
N ASP A 127 -9.42 19.88 -21.43
CA ASP A 127 -10.43 20.35 -22.37
C ASP A 127 -9.94 21.57 -23.17
N LEU A 128 -9.35 22.54 -22.47
CA LEU A 128 -8.89 23.76 -23.13
C LEU A 128 -7.75 23.49 -24.11
N ARG A 129 -6.83 22.61 -23.76
CA ARG A 129 -5.74 22.26 -24.66
C ARG A 129 -6.26 21.42 -25.82
N MET A 130 -7.29 20.62 -25.54
CA MET A 130 -8.00 19.90 -26.59
C MET A 130 -8.53 20.87 -27.62
N GLN A 131 -9.17 21.93 -27.15
CA GLN A 131 -9.72 22.93 -28.06
C GLN A 131 -8.63 23.76 -28.73
N VAL A 132 -7.48 23.90 -28.07
CA VAL A 132 -6.34 24.61 -28.64
C VAL A 132 -5.78 23.86 -29.84
N ILE A 133 -5.48 22.58 -29.65
CA ILE A 133 -4.98 21.76 -30.74
C ILE A 133 -6.08 21.53 -31.78
N THR A 134 -7.34 21.64 -31.36
CA THR A 134 -8.47 21.55 -32.28
C THR A 134 -8.48 22.78 -33.19
N LYS A 135 -8.06 23.91 -32.62
CA LYS A 135 -7.99 25.16 -33.37
C LYS A 135 -6.79 25.18 -34.32
N HIS A 136 -5.64 24.74 -33.82
CA HIS A 136 -4.41 24.80 -34.60
C HIS A 136 -4.20 23.61 -35.54
N VAL A 137 -4.96 22.54 -35.33
CA VAL A 137 -4.83 21.33 -36.14
C VAL A 137 -6.20 20.82 -36.60
N LYS A 138 -6.25 20.30 -37.83
CA LYS A 138 -7.49 19.74 -38.38
C LYS A 138 -7.32 18.25 -38.69
N GLY A 139 -8.43 17.53 -38.69
CA GLY A 139 -8.42 16.10 -38.98
C GLY A 139 -8.28 15.27 -37.73
N VAL A 140 -8.13 15.92 -36.59
CA VAL A 140 -8.00 15.23 -35.31
C VAL A 140 -9.35 14.90 -34.69
N GLU A 141 -10.41 15.50 -35.24
CA GLU A 141 -11.74 15.30 -34.71
C GLU A 141 -12.41 14.07 -35.29
N MET A 146 -4.05 7.10 -29.25
CA MET A 146 -3.09 6.19 -28.65
C MET A 146 -2.10 6.94 -27.77
N MET A 147 -2.44 7.10 -26.51
CA MET A 147 -1.59 7.79 -25.55
C MET A 147 -1.13 6.83 -24.48
N PHE A 148 0.04 7.09 -23.89
CA PHE A 148 0.59 6.20 -22.87
C PHE A 148 0.53 6.84 -21.49
N LEU A 149 -0.32 6.29 -20.63
CA LEU A 149 -0.45 6.75 -19.25
C LEU A 149 -0.51 5.54 -18.32
N PHE A 150 -0.04 5.69 -17.09
CA PHE A 150 0.07 4.54 -16.19
C PHE A 150 -0.40 4.79 -14.77
N THR A 151 -0.87 3.72 -14.12
CA THR A 151 -1.27 3.76 -12.72
C THR A 151 -0.67 2.55 -12.01
N LYS A 152 -0.21 2.76 -10.78
CA LYS A 152 0.30 1.66 -9.98
C LYS A 152 -0.44 1.59 -8.65
N GLN A 153 -0.35 0.45 -7.98
CA GLN A 153 -1.02 0.26 -6.69
C GLN A 153 -0.60 1.33 -5.69
N GLU A 154 -1.59 1.98 -5.09
CA GLU A 154 -1.33 3.06 -4.14
C GLU A 154 -0.91 2.51 -2.78
N PRO A 162 -5.11 6.66 -0.72
CA PRO A 162 -5.11 7.41 0.55
C PRO A 162 -3.96 8.42 0.61
N ALA A 163 -3.22 8.55 -0.49
CA ALA A 163 -2.12 9.50 -0.57
C ALA A 163 -2.08 10.12 -1.96
N ARG A 164 -1.47 11.30 -2.07
CA ARG A 164 -1.36 11.95 -3.37
C ARG A 164 -0.36 11.19 -4.23
N VAL A 165 -0.80 10.72 -5.39
CA VAL A 165 0.09 10.01 -6.31
C VAL A 165 0.01 10.53 -7.75
N ALA A 166 1.09 11.14 -8.21
CA ALA A 166 1.34 11.45 -9.62
C ALA A 166 0.13 12.03 -10.37
N THR A 167 -0.10 11.50 -11.56
CA THR A 167 -1.33 11.78 -12.31
C THR A 167 -2.31 10.64 -12.07
N SER A 168 -1.87 9.64 -11.30
CA SER A 168 -2.68 8.46 -11.01
C SER A 168 -3.82 8.80 -10.05
N SER A 169 -3.71 9.95 -9.40
CA SER A 169 -4.79 10.45 -8.57
C SER A 169 -6.00 10.80 -9.44
N TYR A 170 -5.73 11.15 -10.68
CA TYR A 170 -6.77 11.45 -11.66
C TYR A 170 -7.42 10.17 -12.17
N PHE A 171 -6.59 9.18 -12.52
CA PHE A 171 -7.09 7.92 -13.05
C PHE A 171 -7.90 7.15 -12.01
N LYS A 172 -7.61 7.41 -10.74
CA LYS A 172 -8.29 6.76 -9.63
C LYS A 172 -9.51 7.56 -9.20
N SER A 173 -9.81 8.63 -9.94
CA SER A 173 -10.87 9.56 -9.56
C SER A 173 -12.01 9.51 -10.57
N ASP A 174 -13.20 9.91 -10.12
CA ASP A 174 -14.40 9.80 -10.94
C ASP A 174 -14.51 10.94 -11.93
N TYR A 175 -13.57 11.87 -11.89
CA TYR A 175 -13.48 12.91 -12.90
C TYR A 175 -12.93 12.30 -14.19
N PHE A 176 -12.22 11.19 -14.04
CA PHE A 176 -11.69 10.45 -15.18
C PHE A 176 -12.76 9.58 -15.82
N LYS A 177 -13.59 8.95 -14.99
CA LYS A 177 -14.64 8.08 -15.49
C LYS A 177 -15.87 8.86 -15.98
N ASN A 178 -16.15 9.97 -15.30
CA ASN A 178 -17.24 10.86 -15.71
C ASN A 178 -16.76 11.91 -16.70
N ARG A 179 -15.50 11.80 -17.10
CA ARG A 179 -14.93 12.69 -18.12
C ARG A 179 -15.81 12.68 -19.35
N PRO A 180 -16.02 13.86 -19.96
CA PRO A 180 -16.74 13.92 -21.24
C PRO A 180 -15.96 13.15 -22.29
N SER A 181 -16.61 12.27 -23.03
CA SER A 181 -15.91 11.47 -24.02
C SER A 181 -16.32 11.86 -25.44
N ASN A 182 -15.41 12.52 -26.15
CA ASN A 182 -15.62 12.84 -27.56
C ASN A 182 -14.51 12.31 -28.45
N TRP A 183 -13.36 12.97 -28.41
CA TRP A 183 -12.17 12.52 -29.12
C TRP A 183 -10.94 12.49 -28.20
N TYR A 184 -10.56 13.66 -27.71
CA TYR A 184 -9.41 13.85 -26.83
C TYR A 184 -9.42 12.87 -25.66
N TYR A 185 -10.61 12.61 -25.11
CA TYR A 185 -10.76 11.71 -23.98
C TYR A 185 -11.02 10.28 -24.45
N SER A 186 -11.03 10.08 -25.76
CA SER A 186 -11.22 8.74 -26.32
C SER A 186 -9.88 8.16 -26.79
N TYR A 187 -9.64 6.91 -26.47
CA TYR A 187 -8.35 6.28 -26.80
C TYR A 187 -8.52 4.85 -27.32
N THR A 188 -7.48 4.34 -27.96
CA THR A 188 -7.49 2.98 -28.49
C THR A 188 -7.12 1.97 -27.41
N SER A 189 -6.58 2.47 -26.30
CA SER A 189 -6.24 1.62 -25.18
C SER A 189 -7.42 1.55 -24.21
N PRO A 190 -7.90 0.33 -23.93
CA PRO A 190 -8.98 0.12 -22.96
C PRO A 190 -8.63 0.74 -21.61
N ASP A 191 -9.61 1.34 -20.95
CA ASP A 191 -9.36 2.05 -19.70
C ASP A 191 -8.89 1.12 -18.58
N GLU A 192 -9.19 -0.16 -18.73
CA GLU A 192 -8.75 -1.18 -17.78
C GLU A 192 -7.24 -1.40 -17.90
N VAL A 193 -6.72 -1.13 -19.08
CA VAL A 193 -5.29 -1.22 -19.35
C VAL A 193 -4.57 -0.05 -18.69
N ILE A 194 -5.19 1.12 -18.72
CA ILE A 194 -4.60 2.34 -18.18
C ILE A 194 -4.34 2.23 -16.67
N LEU A 195 -5.36 1.81 -15.92
CA LEU A 195 -5.27 1.75 -14.47
C LEU A 195 -4.56 0.49 -13.98
N CYS A 196 -4.23 -0.39 -14.92
CA CYS A 196 -3.60 -1.66 -14.60
C CYS A 196 -2.31 -1.51 -13.80
N PRO A 197 -2.27 -2.10 -12.60
CA PRO A 197 -1.10 -2.06 -11.70
C PRO A 197 0.14 -2.70 -12.33
N ASN A 198 -0.07 -3.53 -13.35
CA ASN A 198 1.05 -4.09 -14.10
C ASN A 198 1.29 -3.21 -15.31
N ASN A 199 2.38 -2.45 -15.29
CA ASN A 199 2.65 -1.50 -16.37
C ASN A 199 3.40 -2.14 -17.52
N THR A 200 3.95 -3.32 -17.25
CA THR A 200 4.69 -4.08 -18.25
C THR A 200 3.73 -4.78 -19.19
N GLU A 201 2.64 -5.30 -18.62
CA GLU A 201 1.61 -5.94 -19.41
C GLU A 201 0.79 -4.86 -20.12
N SER A 202 0.46 -3.81 -19.38
CA SER A 202 -0.36 -2.72 -19.91
C SER A 202 0.35 -1.95 -21.03
N LEU A 203 1.67 -1.85 -20.95
CA LEU A 203 2.43 -1.23 -22.04
C LEU A 203 2.32 -2.07 -23.30
N TYR A 204 2.45 -3.39 -23.15
CA TYR A 204 2.32 -4.32 -24.26
C TYR A 204 0.90 -4.27 -24.84
N CYS A 205 -0.07 -3.99 -23.98
CA CYS A 205 -1.45 -3.85 -24.41
C CYS A 205 -1.62 -2.58 -25.22
N HIS A 206 -1.00 -1.50 -24.76
CA HIS A 206 -0.98 -0.24 -25.50
C HIS A 206 -0.38 -0.43 -26.89
N LEU A 207 0.72 -1.17 -26.94
CA LEU A 207 1.43 -1.37 -28.19
C LEU A 207 0.77 -2.37 -29.13
N LEU A 208 -0.01 -3.28 -28.56
CA LEU A 208 -0.75 -4.25 -29.37
C LEU A 208 -2.00 -3.60 -29.95
N CYS A 209 -2.71 -2.86 -29.11
CA CYS A 209 -3.87 -2.10 -29.56
C CYS A 209 -3.43 -1.06 -30.57
N GLY A 210 -2.21 -0.55 -30.38
CA GLY A 210 -1.62 0.38 -31.33
C GLY A 210 -1.28 -0.30 -32.63
N LEU A 211 -0.69 -1.50 -32.53
CA LEU A 211 -0.40 -2.31 -33.71
C LEU A 211 -1.68 -2.54 -34.49
N VAL A 212 -2.80 -2.59 -33.78
CA VAL A 212 -4.12 -2.65 -34.41
C VAL A 212 -4.80 -1.29 -34.54
N GLN A 213 -4.14 -0.21 -34.12
CA GLN A 213 -4.78 1.10 -34.07
C GLN A 213 -5.28 1.61 -35.43
N ARG A 214 -4.66 1.12 -36.50
CA ARG A 214 -5.07 1.47 -37.86
C ARG A 214 -5.11 2.98 -38.14
N GLY A 221 1.20 10.15 -27.43
CA GLY A 221 2.11 10.83 -26.53
C GLY A 221 1.99 10.33 -25.09
N SER A 222 2.59 11.06 -24.17
CA SER A 222 2.56 10.70 -22.77
C SER A 222 2.78 11.91 -21.87
N ILE A 223 2.92 11.66 -20.57
CA ILE A 223 3.16 12.74 -19.61
C ILE A 223 4.56 13.30 -19.77
N PHE A 224 5.56 12.42 -19.77
CA PHE A 224 6.95 12.82 -19.93
C PHE A 224 7.58 12.21 -21.18
N ALA A 225 8.63 12.85 -21.68
CA ALA A 225 9.30 12.40 -22.90
C ALA A 225 10.17 11.17 -22.66
N SER A 226 10.74 11.06 -21.46
CA SER A 226 11.65 9.97 -21.13
C SER A 226 11.00 8.60 -21.32
N VAL A 227 9.69 8.54 -21.11
CA VAL A 227 8.94 7.30 -21.29
C VAL A 227 8.83 6.94 -22.77
N MET A 228 8.64 7.97 -23.60
CA MET A 228 8.35 7.78 -25.02
C MET A 228 9.39 6.93 -25.74
N VAL A 229 10.67 7.26 -25.56
CA VAL A 229 11.75 6.50 -26.15
C VAL A 229 11.67 5.04 -25.73
N ARG A 230 11.35 4.81 -24.46
CA ARG A 230 11.21 3.45 -23.95
C ARG A 230 10.07 2.75 -24.67
N ALA A 231 9.00 3.50 -24.93
CA ALA A 231 7.87 2.96 -25.68
C ALA A 231 8.29 2.58 -27.09
N ILE A 232 9.30 3.29 -27.60
CA ILE A 232 9.87 2.95 -28.89
C ILE A 232 10.83 1.78 -28.72
N GLU A 233 11.48 1.72 -27.57
CA GLU A 233 12.50 0.69 -27.31
C GLU A 233 11.92 -0.72 -27.29
N VAL A 234 10.83 -0.93 -26.55
CA VAL A 234 10.21 -2.25 -26.44
C VAL A 234 9.84 -2.85 -27.80
N LEU A 235 9.18 -2.05 -28.63
CA LEU A 235 8.84 -2.47 -29.99
C LEU A 235 10.07 -2.89 -30.78
N LYS A 236 11.19 -2.25 -30.49
CA LYS A 236 12.45 -2.61 -31.14
C LYS A 236 12.86 -4.03 -30.77
N ASN A 237 12.70 -4.39 -29.49
CA ASN A 237 13.01 -5.76 -29.07
C ASN A 237 11.85 -6.74 -29.25
N SER A 238 10.65 -6.24 -29.44
CA SER A 238 9.49 -7.10 -29.62
C SER A 238 8.56 -6.66 -30.75
N TRP A 239 8.40 -7.52 -31.74
CA TRP A 239 7.37 -7.30 -32.77
C TRP A 239 6.49 -8.54 -32.98
N GLU A 240 7.11 -9.63 -33.41
CA GLU A 240 6.40 -10.85 -33.81
C GLU A 240 5.47 -11.43 -32.75
N GLU A 241 5.73 -11.11 -31.48
CA GLU A 241 4.85 -11.55 -30.40
C GLU A 241 3.47 -10.92 -30.58
N LEU A 242 3.45 -9.65 -30.96
CA LEU A 242 2.22 -8.94 -31.25
C LEU A 242 1.54 -9.56 -32.46
N CYS A 243 2.36 -10.00 -33.41
CA CYS A 243 1.86 -10.63 -34.63
C CYS A 243 1.19 -11.96 -34.35
N SER A 244 1.69 -12.67 -33.34
CA SER A 244 1.08 -13.93 -32.93
C SER A 244 -0.15 -13.66 -32.07
N ASN A 245 -0.12 -12.56 -31.34
CA ASN A 245 -1.22 -12.16 -30.48
C ASN A 245 -2.46 -11.75 -31.26
N ILE A 246 -2.25 -11.03 -32.36
CA ILE A 246 -3.36 -10.60 -33.21
C ILE A 246 -3.98 -11.79 -33.95
N ARG A 247 -3.18 -12.82 -34.20
CA ARG A 247 -3.68 -14.05 -34.81
C ARG A 247 -4.47 -14.88 -33.80
N SER A 248 -3.90 -15.06 -32.61
CA SER A 248 -4.53 -15.88 -31.58
C SER A 248 -5.84 -15.28 -31.08
N GLY A 249 -5.94 -13.96 -31.12
CA GLY A 249 -7.11 -13.26 -30.62
C GLY A 249 -7.07 -13.15 -29.10
N HIS A 250 -5.98 -13.64 -28.52
CA HIS A 250 -5.79 -13.60 -27.08
C HIS A 250 -4.66 -12.64 -26.72
N LEU A 251 -4.76 -12.03 -25.55
CA LEU A 251 -3.66 -11.26 -25.00
C LEU A 251 -2.55 -12.23 -24.62
N SER A 252 -1.32 -11.73 -24.51
CA SER A 252 -0.18 -12.58 -24.19
C SER A 252 -0.39 -13.31 -22.87
N ASN A 253 0.10 -14.56 -22.81
CA ASN A 253 -0.12 -15.43 -21.65
C ASN A 253 0.46 -14.88 -20.35
N TRP A 254 1.44 -14.00 -20.45
CA TRP A 254 2.10 -13.45 -19.28
C TRP A 254 1.45 -12.18 -18.75
N VAL A 255 0.32 -11.79 -19.35
CA VAL A 255 -0.40 -10.61 -18.88
C VAL A 255 -1.39 -11.07 -17.82
N THR A 256 -1.13 -10.65 -16.59
CA THR A 256 -1.83 -11.18 -15.42
C THR A 256 -3.05 -10.37 -14.97
N ASP A 257 -3.25 -9.20 -15.56
CA ASP A 257 -4.31 -8.32 -15.10
C ASP A 257 -5.65 -8.66 -15.72
N LEU A 258 -6.69 -8.73 -14.89
CA LEU A 258 -8.04 -9.06 -15.33
C LEU A 258 -8.52 -8.09 -16.39
N GLY A 259 -8.37 -6.80 -16.11
CA GLY A 259 -8.78 -5.77 -17.04
C GLY A 259 -8.02 -5.84 -18.34
N CYS A 260 -6.70 -5.91 -18.25
CA CYS A 260 -5.84 -6.03 -19.42
C CYS A 260 -6.19 -7.29 -20.22
N GLN A 261 -6.14 -8.44 -19.57
CA GLN A 261 -6.47 -9.71 -20.21
C GLN A 261 -7.81 -9.63 -20.93
N ASN A 262 -8.88 -9.42 -20.17
CA ASN A 262 -10.23 -9.34 -20.74
C ASN A 262 -10.40 -8.32 -21.87
N SER A 263 -10.23 -7.05 -21.53
CA SER A 263 -10.44 -5.96 -22.50
C SER A 263 -9.58 -6.09 -23.76
N VAL A 264 -8.30 -6.45 -23.58
CA VAL A 264 -7.42 -6.60 -24.73
C VAL A 264 -7.78 -7.82 -25.57
N SER A 265 -8.18 -8.90 -24.91
CA SER A 265 -8.64 -10.08 -25.64
C SER A 265 -9.87 -9.73 -26.46
N LEU A 266 -10.69 -8.83 -25.92
CA LEU A 266 -11.86 -8.32 -26.64
C LEU A 266 -11.44 -7.49 -27.85
N VAL A 267 -10.40 -6.67 -27.66
CA VAL A 267 -9.89 -5.86 -28.75
C VAL A 267 -9.35 -6.72 -29.90
N LEU A 268 -8.54 -7.73 -29.56
CA LEU A 268 -7.98 -8.65 -30.53
C LEU A 268 -9.08 -9.33 -31.32
N GLY A 269 -10.00 -9.97 -30.61
CA GLY A 269 -11.16 -10.61 -31.21
C GLY A 269 -10.80 -11.62 -32.28
N GLY A 270 -11.35 -11.43 -33.47
CA GLY A 270 -11.02 -12.28 -34.60
C GLY A 270 -9.62 -12.01 -35.09
N PRO A 271 -8.97 -13.04 -35.67
CA PRO A 271 -7.60 -12.94 -36.19
C PRO A 271 -7.52 -11.95 -37.35
N ARG A 272 -6.35 -11.35 -37.54
CA ARG A 272 -6.12 -10.45 -38.66
C ARG A 272 -4.74 -10.66 -39.27
N PRO A 273 -4.57 -11.72 -40.07
CA PRO A 273 -3.31 -12.00 -40.75
C PRO A 273 -2.99 -10.94 -41.81
N GLU A 274 -4.04 -10.33 -42.36
CA GLU A 274 -3.91 -9.31 -43.39
C GLU A 274 -3.02 -8.16 -42.93
N LEU A 275 -3.21 -7.74 -41.69
CA LEU A 275 -2.36 -6.71 -41.11
C LEU A 275 -1.03 -7.30 -40.68
N ALA A 276 -1.06 -8.56 -40.24
CA ALA A 276 0.14 -9.23 -39.74
C ALA A 276 1.26 -9.31 -40.77
N ASP A 277 0.92 -9.72 -41.99
CA ASP A 277 1.91 -9.89 -43.04
C ASP A 277 2.55 -8.57 -43.46
N THR A 278 1.72 -7.56 -43.70
CA THR A 278 2.23 -6.24 -44.09
C THR A 278 3.02 -5.59 -42.95
N ILE A 279 2.64 -5.87 -41.71
CA ILE A 279 3.40 -5.44 -40.55
C ILE A 279 4.78 -6.08 -40.55
N GLU A 280 4.80 -7.39 -40.81
CA GLU A 280 6.05 -8.14 -40.88
C GLU A 280 6.95 -7.59 -41.98
N GLU A 281 6.34 -7.17 -43.09
CA GLU A 281 7.11 -6.60 -44.20
C GLU A 281 7.63 -5.21 -43.86
N ILE A 282 6.85 -4.44 -43.10
CA ILE A 282 7.20 -3.06 -42.79
C ILE A 282 8.23 -2.91 -41.67
N CYS A 283 8.18 -3.82 -40.71
CA CYS A 283 9.03 -3.73 -39.51
C CYS A 283 10.48 -4.15 -39.77
N ASN A 284 10.67 -5.11 -40.66
CA ASN A 284 12.00 -5.67 -40.92
C ASN A 284 13.01 -4.73 -41.58
N GLN A 285 12.56 -3.54 -41.97
CA GLN A 285 13.41 -2.55 -42.63
C GLN A 285 14.69 -2.27 -41.83
N ASN A 286 15.81 -2.22 -42.54
CA ASN A 286 17.13 -2.13 -41.92
C ASN A 286 17.41 -0.78 -41.28
N SER A 287 16.57 0.21 -41.57
CA SER A 287 16.76 1.55 -41.01
C SER A 287 15.67 1.89 -39.99
N TRP A 288 16.09 2.42 -38.86
CA TRP A 288 15.15 2.83 -37.82
C TRP A 288 14.78 4.29 -37.96
N LYS A 289 15.30 4.93 -39.01
CA LYS A 289 15.01 6.33 -39.27
C LYS A 289 13.54 6.51 -39.64
N GLY A 290 12.87 7.41 -38.93
CA GLY A 290 11.48 7.74 -39.18
C GLY A 290 10.51 6.58 -39.18
N ILE A 291 10.69 5.64 -38.25
CA ILE A 291 9.86 4.44 -38.19
C ILE A 291 8.47 4.65 -37.59
N VAL A 292 8.40 5.34 -36.45
CA VAL A 292 7.15 5.47 -35.71
C VAL A 292 6.06 6.22 -36.49
N LYS A 293 6.48 7.08 -37.41
CA LYS A 293 5.54 7.87 -38.19
C LYS A 293 4.85 7.02 -39.28
N ARG A 294 5.47 5.90 -39.62
CA ARG A 294 4.96 5.04 -40.68
C ARG A 294 3.77 4.22 -40.22
N LEU A 295 3.79 3.77 -38.97
CA LEU A 295 2.73 2.92 -38.43
C LEU A 295 1.41 3.67 -38.29
N TRP A 296 1.49 4.95 -37.94
CA TRP A 296 0.29 5.78 -37.81
C TRP A 296 0.54 7.18 -38.37
N PRO A 297 0.51 7.30 -39.71
CA PRO A 297 0.80 8.56 -40.42
C PRO A 297 -0.23 9.66 -40.11
N ASN A 298 -1.47 9.26 -39.86
CA ASN A 298 -2.54 10.22 -39.61
C ASN A 298 -2.36 11.02 -38.32
N THR A 299 -1.42 10.60 -37.49
CA THR A 299 -1.10 11.36 -36.29
C THR A 299 -0.39 12.65 -36.69
N LYS A 300 -0.95 13.77 -36.28
CA LYS A 300 -0.44 15.08 -36.67
C LYS A 300 0.75 15.51 -35.82
N TYR A 301 0.70 15.19 -34.53
CA TYR A 301 1.59 15.79 -33.55
C TYR A 301 1.93 14.82 -32.43
N ILE A 302 2.99 15.13 -31.68
CA ILE A 302 3.29 14.40 -30.45
C ILE A 302 3.00 15.30 -29.26
N GLU A 303 2.42 14.74 -28.19
CA GLU A 303 2.24 15.54 -26.98
C GLU A 303 2.99 14.94 -25.80
N THR A 304 4.06 15.64 -25.41
CA THR A 304 4.90 15.28 -24.28
C THR A 304 5.62 16.56 -23.88
N VAL A 305 6.18 16.62 -22.69
CA VAL A 305 6.98 17.78 -22.34
C VAL A 305 8.37 17.63 -22.96
N VAL A 306 8.72 18.54 -23.86
CA VAL A 306 10.07 18.62 -24.39
C VAL A 306 10.86 19.70 -23.69
N THR A 307 10.23 20.36 -22.73
CA THR A 307 10.90 21.42 -21.99
C THR A 307 11.66 20.79 -20.83
N GLY A 308 12.39 21.60 -20.08
CA GLY A 308 13.20 21.11 -18.98
C GLY A 308 14.19 20.05 -19.38
N SER A 309 14.56 19.20 -18.42
CA SER A 309 15.50 18.11 -18.66
C SER A 309 15.06 17.22 -19.81
N MET A 310 13.75 17.10 -20.00
CA MET A 310 13.19 16.26 -21.04
C MET A 310 13.60 16.69 -22.45
N GLY A 311 14.12 17.92 -22.56
CA GLY A 311 14.68 18.39 -23.81
C GLY A 311 15.74 17.42 -24.33
N GLN A 312 16.39 16.74 -23.40
CA GLN A 312 17.42 15.75 -23.71
C GLN A 312 16.92 14.71 -24.71
N TYR A 313 15.62 14.47 -24.74
CA TYR A 313 15.05 13.43 -25.60
C TYR A 313 14.55 13.94 -26.95
N VAL A 314 14.74 15.22 -27.24
CA VAL A 314 14.21 15.79 -28.49
C VAL A 314 14.76 15.21 -29.81
N PRO A 315 16.09 15.22 -30.02
CA PRO A 315 16.60 14.84 -31.34
C PRO A 315 16.42 13.35 -31.66
N MET A 316 16.34 12.52 -30.63
CA MET A 316 16.19 11.08 -30.81
C MET A 316 14.84 10.73 -31.45
N LEU A 317 13.81 11.49 -31.08
CA LEU A 317 12.48 11.27 -31.63
C LEU A 317 12.45 11.57 -33.12
N ASN A 318 13.05 12.69 -33.50
CA ASN A 318 13.09 13.13 -34.88
C ASN A 318 13.76 12.12 -35.81
N TYR A 319 14.67 11.32 -35.26
CA TYR A 319 15.26 10.22 -36.01
C TYR A 319 14.24 9.10 -36.13
N TYR A 320 13.59 8.77 -35.01
CA TYR A 320 12.60 7.71 -34.98
C TYR A 320 11.31 8.11 -35.68
N CYS A 321 11.09 9.41 -35.84
CA CYS A 321 9.89 9.91 -36.49
C CYS A 321 10.18 10.69 -37.77
N ASN A 322 9.13 11.26 -38.35
CA ASN A 322 9.20 11.96 -39.64
C ASN A 322 9.56 13.41 -39.44
N ASP A 323 9.92 13.75 -38.20
CA ASP A 323 10.07 15.12 -37.72
C ASP A 323 8.72 15.84 -37.69
N LEU A 324 7.71 15.13 -37.19
CA LEU A 324 6.44 15.75 -36.86
C LEU A 324 6.65 16.59 -35.60
N PRO A 325 5.78 17.60 -35.39
CA PRO A 325 5.93 18.51 -34.25
C PRO A 325 5.91 17.84 -32.87
N LEU A 326 6.89 18.20 -32.04
CA LEU A 326 6.91 17.80 -30.64
C LEU A 326 6.32 18.92 -29.79
N VAL A 327 5.17 18.65 -29.20
CA VAL A 327 4.38 19.69 -28.53
C VAL A 327 4.19 19.45 -27.03
N SER A 328 4.59 20.43 -26.23
CA SER A 328 4.40 20.38 -24.78
C SER A 328 3.21 21.24 -24.39
N THR A 329 2.14 20.59 -23.96
CA THR A 329 0.90 21.29 -23.66
C THR A 329 0.84 21.98 -22.30
N THR A 330 1.35 21.33 -21.25
CA THR A 330 1.14 21.82 -19.88
C THR A 330 2.38 21.80 -19.00
N TYR A 331 2.39 22.67 -18.00
CA TYR A 331 3.40 22.67 -16.94
C TYR A 331 2.76 22.68 -15.55
N GLY A 332 3.06 21.66 -14.76
CA GLY A 332 2.51 21.56 -13.41
C GLY A 332 3.37 20.72 -12.48
N SER A 333 3.23 20.95 -11.18
CA SER A 333 4.00 20.23 -10.18
C SER A 333 3.11 19.44 -9.25
N SER A 334 3.72 18.78 -8.27
CA SER A 334 2.97 18.03 -7.28
C SER A 334 2.13 18.96 -6.42
N GLU A 335 2.60 20.18 -6.25
CA GLU A 335 1.90 21.19 -5.45
C GLU A 335 0.61 21.62 -6.14
N THR A 336 0.69 21.84 -7.45
CA THR A 336 -0.42 22.33 -8.25
C THR A 336 -0.04 22.44 -9.72
N THR A 337 -1.04 22.63 -10.57
CA THR A 337 -0.81 22.83 -12.00
C THR A 337 -0.65 24.33 -12.26
N PHE A 338 0.36 24.71 -13.04
CA PHE A 338 0.67 26.12 -13.23
C PHE A 338 -0.04 26.72 -14.43
N GLY A 339 0.32 26.29 -15.63
CA GLY A 339 -0.28 26.80 -16.84
C GLY A 339 0.02 25.98 -18.07
N ILE A 340 -0.44 26.45 -19.22
CA ILE A 340 -0.28 25.72 -20.48
C ILE A 340 0.41 26.56 -21.54
N ASN A 341 0.94 25.89 -22.56
CA ASN A 341 1.56 26.57 -23.70
C ASN A 341 0.51 26.98 -24.72
N LEU A 342 0.45 28.28 -25.01
CA LEU A 342 -0.59 28.81 -25.89
C LEU A 342 -0.13 28.92 -27.35
N ASP A 343 1.12 28.53 -27.60
CA ASP A 343 1.67 28.58 -28.96
C ASP A 343 2.21 27.23 -29.40
N PRO A 344 1.35 26.43 -30.05
CA PRO A 344 1.75 25.12 -30.58
C PRO A 344 2.78 25.25 -31.69
N LEU A 345 2.89 26.44 -32.28
CA LEU A 345 3.86 26.69 -33.33
C LEU A 345 5.27 26.79 -32.77
N CYS A 346 5.38 26.84 -31.45
CA CYS A 346 6.69 26.91 -30.79
C CYS A 346 7.51 25.64 -31.01
N LYS A 347 8.75 25.84 -31.47
CA LYS A 347 9.70 24.75 -31.53
C LYS A 347 10.08 24.41 -30.09
N PRO A 348 10.54 23.16 -29.85
CA PRO A 348 10.82 22.65 -28.50
C PRO A 348 11.67 23.58 -27.62
N GLU A 349 12.58 24.35 -28.21
CA GLU A 349 13.45 25.23 -27.44
C GLU A 349 12.75 26.51 -26.96
N ASP A 350 11.85 27.04 -27.79
CA ASP A 350 11.13 28.26 -27.45
C ASP A 350 9.75 28.04 -26.81
N VAL A 351 9.39 26.78 -26.58
CA VAL A 351 8.09 26.43 -26.00
C VAL A 351 7.87 27.15 -24.67
N SER A 352 6.74 27.84 -24.56
CA SER A 352 6.51 28.72 -23.43
C SER A 352 5.18 28.46 -22.71
N TYR A 353 5.25 28.33 -21.39
CA TYR A 353 4.06 28.06 -20.58
C TYR A 353 3.50 29.32 -19.92
N THR A 354 2.31 29.71 -20.32
CA THR A 354 1.59 30.82 -19.68
C THR A 354 0.74 30.27 -18.54
N PHE A 355 0.75 30.95 -17.40
CA PHE A 355 0.13 30.42 -16.19
C PHE A 355 -1.32 30.87 -15.97
N MET A 356 -2.12 29.96 -15.43
CA MET A 356 -3.54 30.21 -15.18
C MET A 356 -3.78 30.96 -13.88
N PRO A 357 -4.68 31.95 -13.89
CA PRO A 357 -5.01 32.80 -12.74
C PRO A 357 -5.78 32.08 -11.62
N ASN A 358 -6.56 31.07 -11.97
CA ASN A 358 -7.43 30.42 -11.00
C ASN A 358 -6.66 29.66 -9.92
N MET A 359 -5.57 29.01 -10.30
CA MET A 359 -4.74 28.29 -9.36
C MET A 359 -3.58 29.16 -8.87
N SER A 360 -3.58 30.41 -9.31
CA SER A 360 -2.44 31.31 -9.11
C SER A 360 -2.27 31.86 -7.69
N TYR A 361 -1.01 32.02 -7.32
CA TYR A 361 -0.59 32.60 -6.05
C TYR A 361 0.81 33.13 -6.29
N PHE A 362 1.34 33.95 -5.37
CA PHE A 362 2.67 34.57 -5.53
C PHE A 362 2.56 35.79 -6.45
N GLU A 363 1.33 36.00 -6.92
CA GLU A 363 0.94 37.10 -7.80
C GLU A 363 1.69 37.15 -9.13
N PHE A 364 2.04 38.36 -9.54
CA PHE A 364 2.56 38.59 -10.90
C PHE A 364 3.10 40.00 -11.08
N ILE A 365 3.52 40.30 -12.30
CA ILE A 365 3.97 41.64 -12.68
C ILE A 365 2.88 42.68 -12.39
N GLY A 384 10.55 40.68 -18.64
CA GLY A 384 11.97 40.59 -18.95
C GLY A 384 12.84 40.61 -17.72
N CYS A 385 12.69 39.60 -16.87
CA CYS A 385 13.46 39.50 -15.63
C CYS A 385 13.75 38.05 -15.28
N THR A 386 14.39 37.85 -14.12
CA THR A 386 14.72 36.50 -13.67
C THR A 386 14.04 36.19 -12.33
N TYR A 387 13.10 35.25 -12.36
CA TYR A 387 12.38 34.84 -11.16
C TYR A 387 11.94 33.38 -11.24
N ALA A 395 -5.73 25.61 -3.59
CA ALA A 395 -5.84 25.81 -2.15
C ALA A 395 -4.92 24.86 -1.39
N GLY A 396 -4.65 25.18 -0.13
CA GLY A 396 -3.80 24.35 0.71
C GLY A 396 -2.39 24.91 0.83
N LEU A 397 -2.01 25.78 -0.11
CA LEU A 397 -0.69 26.38 -0.11
C LEU A 397 -0.76 27.88 -0.37
N TYR A 398 -0.26 28.67 0.59
CA TYR A 398 -0.26 30.12 0.47
C TYR A 398 1.17 30.65 0.53
N ARG A 399 1.59 31.35 -0.53
CA ARG A 399 2.94 31.90 -0.64
C ARG A 399 4.02 30.81 -0.59
N MET A 400 3.62 29.60 -0.96
CA MET A 400 4.54 28.47 -1.11
C MET A 400 5.59 28.75 -2.18
N ARG A 401 6.82 28.31 -1.96
CA ARG A 401 7.86 28.43 -2.97
C ARG A 401 7.91 27.16 -3.80
N VAL A 402 7.77 27.32 -5.11
CA VAL A 402 7.57 26.19 -6.02
C VAL A 402 8.75 25.20 -6.09
N GLY A 403 9.96 25.72 -6.24
CA GLY A 403 11.15 24.88 -6.30
C GLY A 403 11.65 24.64 -7.72
N ASP A 404 11.10 25.37 -8.67
CA ASP A 404 11.55 25.27 -10.06
C ASP A 404 11.82 26.65 -10.66
N ILE A 405 12.71 26.71 -11.65
CA ILE A 405 13.11 27.97 -12.24
C ILE A 405 12.54 28.18 -13.63
N VAL A 406 11.87 29.31 -13.83
CA VAL A 406 11.29 29.66 -15.12
C VAL A 406 11.74 31.06 -15.53
N LEU A 407 11.66 31.38 -16.82
CA LEU A 407 11.94 32.73 -17.29
C LEU A 407 10.77 33.20 -18.16
N VAL A 408 10.69 34.50 -18.39
CA VAL A 408 9.64 35.04 -19.25
C VAL A 408 10.09 35.02 -20.71
N THR A 409 9.35 34.29 -21.54
CA THR A 409 9.71 34.13 -22.95
C THR A 409 9.14 35.27 -23.78
N GLY A 410 8.22 36.02 -23.19
CA GLY A 410 7.58 37.12 -23.88
C GLY A 410 6.16 37.31 -23.40
N PHE A 411 5.38 38.08 -24.15
CA PHE A 411 3.98 38.30 -23.82
C PHE A 411 3.17 38.74 -25.03
N TYR A 412 1.85 38.60 -24.93
CA TYR A 412 0.94 39.22 -25.88
C TYR A 412 0.60 40.59 -25.32
N ASN A 413 1.25 40.90 -24.20
CA ASN A 413 1.07 42.12 -23.40
C ASN A 413 -0.21 42.08 -22.59
N ASN A 414 -1.09 41.16 -22.94
CA ASN A 414 -2.26 40.83 -22.13
C ASN A 414 -1.88 39.88 -21.00
N ALA A 415 -1.09 38.86 -21.35
CA ALA A 415 -0.55 37.92 -20.38
C ALA A 415 0.87 37.51 -20.78
N PRO A 416 1.74 37.29 -19.79
CA PRO A 416 3.14 36.90 -20.01
C PRO A 416 3.32 35.42 -20.38
N GLN A 417 4.42 35.11 -21.06
CA GLN A 417 4.74 33.74 -21.47
C GLN A 417 6.01 33.26 -20.77
N PHE A 418 6.11 31.96 -20.49
CA PHE A 418 7.25 31.43 -19.74
C PHE A 418 7.82 30.10 -20.23
N LYS A 419 9.13 30.08 -20.48
CA LYS A 419 9.83 28.85 -20.87
C LYS A 419 10.62 28.29 -19.69
N PHE A 420 10.51 26.98 -19.45
CA PHE A 420 11.24 26.35 -18.36
C PHE A 420 12.73 26.24 -18.67
N VAL A 421 13.57 26.50 -17.68
CA VAL A 421 15.02 26.43 -17.86
C VAL A 421 15.66 25.32 -17.02
N ARG A 422 15.57 25.47 -15.69
CA ARG A 422 16.26 24.56 -14.79
C ARG A 422 15.49 24.31 -13.49
N ARG A 423 15.85 23.26 -12.78
CA ARG A 423 15.27 22.98 -11.47
C ARG A 423 16.33 23.10 -10.38
N GLU A 424 15.93 23.64 -9.24
CA GLU A 424 16.87 23.95 -8.16
C GLU A 424 17.37 22.69 -7.44
N ASN A 425 16.45 21.81 -7.08
CA ASN A 425 16.75 20.67 -6.21
C ASN A 425 17.93 19.80 -6.65
N VAL A 426 18.11 19.66 -7.95
CA VAL A 426 19.23 18.86 -8.47
C VAL A 426 20.49 19.71 -8.62
N VAL A 427 21.52 19.35 -7.88
CA VAL A 427 22.79 20.06 -7.91
C VAL A 427 23.95 19.11 -7.60
N LEU A 428 25.08 19.31 -8.27
CA LEU A 428 26.27 18.50 -8.03
C LEU A 428 27.37 19.37 -7.45
N SER A 429 28.02 18.89 -6.39
CA SER A 429 28.99 19.70 -5.68
C SER A 429 30.11 18.90 -5.02
N ILE A 430 31.28 19.52 -4.87
CA ILE A 430 32.35 18.95 -4.05
C ILE A 430 32.75 19.93 -2.95
N ASP A 431 33.47 20.98 -3.33
CA ASP A 431 33.81 22.05 -2.41
C ASP A 431 33.48 23.43 -2.99
N SER A 432 32.52 24.10 -2.37
CA SER A 432 32.16 25.48 -2.72
C SER A 432 31.78 25.67 -4.20
N ASP A 433 31.29 24.62 -4.84
CA ASP A 433 30.89 24.70 -6.25
C ASP A 433 29.53 24.06 -6.52
N LYS A 434 28.58 24.88 -6.96
CA LYS A 434 27.24 24.38 -7.25
C LYS A 434 27.00 24.29 -8.75
N THR A 435 26.90 23.06 -9.25
CA THR A 435 26.60 22.83 -10.65
C THR A 435 25.19 22.27 -10.79
N ASN A 436 24.37 22.93 -11.60
CA ASN A 436 22.96 22.58 -11.71
C ASN A 436 22.54 22.05 -13.08
N GLU A 437 21.24 21.82 -13.23
CA GLU A 437 20.65 21.21 -14.41
C GLU A 437 21.08 21.87 -15.72
N GLU A 438 21.07 23.20 -15.77
CA GLU A 438 21.38 23.90 -17.01
C GLU A 438 22.87 23.88 -17.32
N ASP A 439 23.71 23.73 -16.29
CA ASP A 439 25.14 23.58 -16.49
C ASP A 439 25.43 22.19 -17.06
N LEU A 440 24.73 21.19 -16.54
CA LEU A 440 24.77 19.84 -17.09
C LEU A 440 24.38 19.86 -18.56
N PHE A 441 23.25 20.48 -18.85
CA PHE A 441 22.74 20.55 -20.22
C PHE A 441 23.71 21.29 -21.12
N LYS A 442 24.31 22.36 -20.61
CA LYS A 442 25.33 23.11 -21.35
C LYS A 442 26.47 22.17 -21.73
N ALA A 443 27.02 21.51 -20.72
CA ALA A 443 28.16 20.61 -20.90
C ALA A 443 27.87 19.47 -21.88
N VAL A 444 26.69 18.84 -21.76
CA VAL A 444 26.33 17.73 -22.64
C VAL A 444 26.01 18.22 -24.04
N SER A 445 25.61 19.48 -24.16
CA SER A 445 25.40 20.09 -25.46
C SER A 445 26.75 20.30 -26.13
N GLN A 446 27.74 20.73 -25.34
CA GLN A 446 29.10 20.87 -25.84
C GLN A 446 29.67 19.50 -26.23
N ALA A 447 29.25 18.48 -25.50
CA ALA A 447 29.78 17.12 -25.68
C ALA A 447 29.22 16.40 -26.90
N LYS A 448 27.90 16.47 -27.09
CA LYS A 448 27.24 15.72 -28.15
C LYS A 448 27.60 16.24 -29.55
N LEU A 449 28.16 17.44 -29.60
CA LEU A 449 28.65 18.00 -30.85
C LEU A 449 29.99 17.37 -31.23
N VAL A 450 30.72 16.90 -30.23
CA VAL A 450 31.97 16.20 -30.46
C VAL A 450 31.70 14.78 -30.96
N LEU A 451 30.73 14.11 -30.32
CA LEU A 451 30.32 12.78 -30.73
C LEU A 451 29.73 12.79 -32.13
N GLU A 452 29.01 13.86 -32.44
CA GLU A 452 28.32 14.02 -33.71
C GLU A 452 29.30 14.01 -34.89
N SER A 453 30.51 14.48 -34.64
CA SER A 453 31.54 14.55 -35.68
C SER A 453 32.23 13.21 -35.90
N SER A 454 32.15 12.31 -34.92
CA SER A 454 32.85 11.04 -34.99
C SER A 454 31.99 9.89 -35.51
N GLY A 455 30.73 10.17 -35.81
CA GLY A 455 29.84 9.18 -36.37
C GLY A 455 29.01 8.44 -35.33
N LEU A 456 28.91 9.02 -34.14
CA LEU A 456 28.09 8.47 -33.07
C LEU A 456 27.11 9.51 -32.54
N ASP A 457 26.31 9.12 -31.56
CA ASP A 457 25.42 10.04 -30.87
C ASP A 457 25.18 9.63 -29.42
N LEU A 458 24.35 10.37 -28.71
CA LEU A 458 24.11 10.12 -27.29
C LEU A 458 22.65 9.80 -27.01
N LYS A 459 22.38 8.57 -26.59
CA LYS A 459 21.02 8.17 -26.24
C LYS A 459 20.56 8.86 -24.95
N ASP A 460 21.35 8.70 -23.89
CA ASP A 460 20.95 9.19 -22.58
C ASP A 460 22.16 9.43 -21.70
N PHE A 461 21.96 10.20 -20.63
CA PHE A 461 23.04 10.50 -19.70
C PHE A 461 22.50 10.71 -18.28
N THR A 462 23.42 10.63 -17.31
CA THR A 462 23.14 10.99 -15.93
C THR A 462 24.48 11.26 -15.26
N SER A 463 24.47 11.64 -13.98
CA SER A 463 25.70 12.03 -13.30
C SER A 463 25.81 11.53 -11.87
N TYR A 464 27.06 11.39 -11.43
CA TYR A 464 27.37 11.00 -10.06
C TYR A 464 28.69 11.67 -9.67
N ALA A 465 28.81 12.05 -8.39
CA ALA A 465 30.06 12.62 -7.89
C ALA A 465 30.73 11.61 -6.97
N ASP A 466 32.04 11.40 -7.17
CA ASP A 466 32.74 10.42 -6.36
C ASP A 466 33.52 11.14 -5.27
N THR A 467 33.04 11.00 -4.03
CA THR A 467 33.69 11.61 -2.88
C THR A 467 34.58 10.62 -2.15
N SER A 468 34.61 9.38 -2.65
CA SER A 468 35.35 8.30 -2.01
C SER A 468 36.84 8.57 -1.94
N THR A 469 37.40 9.09 -3.03
CA THR A 469 38.82 9.37 -3.09
C THR A 469 39.09 10.84 -3.40
N PHE A 470 40.12 11.39 -2.76
CA PHE A 470 40.54 12.76 -3.01
C PHE A 470 41.62 12.80 -4.10
N PRO A 471 41.50 13.72 -5.07
CA PRO A 471 40.40 14.68 -5.22
C PRO A 471 39.11 14.05 -5.72
N GLY A 472 37.97 14.50 -5.18
CA GLY A 472 36.68 14.04 -5.65
C GLY A 472 36.40 14.58 -7.03
N HIS A 473 36.04 13.71 -7.96
CA HIS A 473 35.87 14.12 -9.35
C HIS A 473 34.44 13.93 -9.88
N TYR A 474 34.08 14.72 -10.89
CA TYR A 474 32.78 14.62 -11.52
C TYR A 474 32.73 13.42 -12.46
N VAL A 475 31.67 12.62 -12.32
CA VAL A 475 31.52 11.42 -13.14
C VAL A 475 30.21 11.45 -13.92
N VAL A 476 30.30 11.24 -15.23
CA VAL A 476 29.12 11.24 -16.09
C VAL A 476 28.97 9.87 -16.77
N TYR A 477 27.73 9.40 -16.87
CA TYR A 477 27.45 8.11 -17.52
C TYR A 477 26.77 8.35 -18.86
N LEU A 478 27.38 7.89 -19.95
CA LEU A 478 26.83 8.11 -21.28
C LEU A 478 26.43 6.81 -21.97
N GLU A 479 25.28 6.83 -22.64
CA GLU A 479 24.86 5.71 -23.47
C GLU A 479 24.84 6.17 -24.94
N VAL A 480 25.67 5.55 -25.76
CA VAL A 480 25.87 6.01 -27.13
C VAL A 480 25.29 5.06 -28.19
N ASP A 481 24.86 5.62 -29.32
CA ASP A 481 24.28 4.83 -30.41
C ASP A 481 24.95 5.16 -31.74
N THR A 482 25.08 4.14 -32.60
CA THR A 482 25.77 4.28 -33.88
C THR A 482 24.86 4.56 -35.07
N LYS A 483 23.56 4.69 -34.82
CA LYS A 483 22.56 4.87 -35.87
C LYS A 483 22.53 3.69 -36.83
N GLN A 492 36.77 -4.16 -27.42
CA GLN A 492 35.44 -4.67 -27.71
C GLN A 492 35.04 -4.37 -29.16
N PHE A 493 33.92 -3.69 -29.33
CA PHE A 493 33.39 -3.40 -30.66
C PHE A 493 33.24 -1.90 -30.90
N GLU A 494 33.99 -1.39 -31.87
CA GLU A 494 33.91 0.01 -32.29
C GLU A 494 34.14 1.03 -31.16
N LEU A 495 35.38 1.10 -30.69
CA LEU A 495 35.74 2.10 -29.67
C LEU A 495 36.71 3.15 -30.18
N ASP A 496 36.30 4.41 -30.13
CA ASP A 496 37.17 5.52 -30.50
C ASP A 496 37.67 6.22 -29.23
N GLU A 497 38.95 6.06 -28.95
CA GLU A 497 39.54 6.59 -27.72
C GLU A 497 39.53 8.11 -27.68
N GLU A 498 39.67 8.72 -28.85
CA GLU A 498 39.85 10.16 -28.97
C GLU A 498 38.57 10.97 -28.78
N ALA A 499 37.48 10.52 -29.39
CA ALA A 499 36.23 11.27 -29.42
C ALA A 499 35.70 11.62 -28.02
N LEU A 500 35.50 10.59 -27.21
CA LEU A 500 34.95 10.78 -25.87
C LEU A 500 35.95 11.30 -24.83
N SER A 501 37.23 11.04 -25.06
CA SER A 501 38.27 11.62 -24.21
C SER A 501 38.36 13.12 -24.50
N THR A 502 37.90 13.51 -25.69
CA THR A 502 37.70 14.91 -26.02
C THR A 502 36.41 15.41 -25.38
N CYS A 503 35.42 14.53 -25.33
CA CYS A 503 34.13 14.88 -24.72
C CYS A 503 34.28 15.14 -23.23
N CYS A 504 35.25 14.45 -22.61
CA CYS A 504 35.53 14.65 -21.19
C CYS A 504 35.91 16.09 -20.91
N LEU A 505 36.85 16.61 -21.69
CA LEU A 505 37.34 17.96 -21.48
C LEU A 505 36.32 19.02 -21.87
N VAL A 506 35.69 18.84 -23.03
CA VAL A 506 34.80 19.85 -23.60
C VAL A 506 33.65 20.20 -22.66
N MET A 507 33.36 19.28 -21.74
CA MET A 507 32.35 19.53 -20.71
C MET A 507 32.90 20.39 -19.59
N GLU A 508 34.19 20.19 -19.28
CA GLU A 508 34.81 20.88 -18.15
C GLU A 508 34.81 22.41 -18.27
N GLU A 509 35.34 22.93 -19.37
CA GLU A 509 35.43 24.38 -19.54
C GLU A 509 34.08 25.00 -19.89
N SER A 510 33.09 24.15 -20.16
CA SER A 510 31.73 24.63 -20.39
C SER A 510 31.06 24.96 -19.07
N LEU A 511 31.52 24.28 -18.01
CA LEU A 511 30.97 24.49 -16.67
C LEU A 511 31.46 25.81 -16.09
N ASP A 512 31.02 26.13 -14.87
CA ASP A 512 31.39 27.38 -14.23
C ASP A 512 32.87 27.41 -13.81
N ASN A 513 33.43 28.61 -13.75
CA ASN A 513 34.81 28.80 -13.31
C ASN A 513 35.00 28.45 -11.85
N VAL A 514 33.89 28.44 -11.11
CA VAL A 514 33.85 27.93 -9.75
C VAL A 514 34.44 26.53 -9.72
N TYR A 515 33.79 25.62 -10.44
CA TYR A 515 34.30 24.27 -10.66
C TYR A 515 35.76 24.30 -11.13
N LYS A 516 36.03 25.16 -12.09
CA LYS A 516 37.34 25.23 -12.70
C LYS A 516 38.39 25.84 -11.77
N ARG A 517 37.95 26.52 -10.72
CA ARG A 517 38.86 27.00 -9.68
C ARG A 517 39.28 25.82 -8.81
N CYS A 518 38.31 24.98 -8.45
CA CYS A 518 38.57 23.80 -7.66
C CYS A 518 39.18 22.67 -8.50
N ARG A 519 39.06 22.80 -9.83
CA ARG A 519 39.62 21.83 -10.78
C ARG A 519 41.06 22.20 -11.11
N PHE A 520 41.22 23.38 -11.70
CA PHE A 520 42.49 23.87 -12.21
C PHE A 520 43.03 24.92 -11.23
N LYS A 521 44.35 25.06 -11.16
CA LYS A 521 45.00 25.67 -10.00
C LYS A 521 44.66 24.81 -8.78
N ASP A 522 43.92 25.36 -7.83
CA ASP A 522 43.52 24.60 -6.65
CA ASP A 522 43.52 24.62 -6.65
C ASP A 522 42.92 23.27 -7.06
N GLY A 523 43.42 22.20 -6.45
CA GLY A 523 43.14 20.84 -6.87
C GLY A 523 42.00 20.09 -6.19
N SER A 524 41.05 20.82 -5.62
CA SER A 524 39.92 20.23 -4.90
C SER A 524 39.22 19.11 -5.68
N ILE A 525 39.05 19.29 -6.99
CA ILE A 525 38.45 18.25 -7.83
C ILE A 525 39.37 17.80 -8.97
N GLY A 526 39.43 16.48 -9.18
CA GLY A 526 40.22 15.89 -10.25
C GLY A 526 39.48 15.80 -11.57
N PRO A 527 40.19 15.39 -12.64
CA PRO A 527 39.68 15.37 -14.02
C PRO A 527 38.33 14.65 -14.19
N LEU A 528 37.43 15.26 -14.97
CA LEU A 528 36.11 14.69 -15.21
C LEU A 528 36.17 13.33 -15.88
N GLU A 529 35.44 12.38 -15.32
CA GLU A 529 35.43 11.02 -15.84
C GLU A 529 34.13 10.69 -16.55
N ILE A 530 34.24 10.09 -17.73
CA ILE A 530 33.06 9.63 -18.46
C ILE A 530 32.99 8.11 -18.47
N ARG A 531 31.85 7.58 -18.02
CA ARG A 531 31.62 6.13 -17.99
C ARG A 531 30.73 5.71 -19.16
N VAL A 532 31.22 4.78 -19.97
CA VAL A 532 30.46 4.31 -21.12
C VAL A 532 29.70 3.04 -20.78
N VAL A 533 28.37 3.11 -20.85
CA VAL A 533 27.52 1.97 -20.48
C VAL A 533 26.95 1.28 -21.70
N ARG A 534 26.73 -0.02 -21.59
CA ARG A 534 26.31 -0.82 -22.73
C ARG A 534 24.85 -0.56 -23.11
N GLN A 535 24.39 -1.27 -24.14
CA GLN A 535 23.08 -1.05 -24.72
C GLN A 535 21.94 -1.29 -23.72
N GLY A 536 20.95 -0.41 -23.77
CA GLY A 536 19.73 -0.57 -22.99
C GLY A 536 19.94 -0.49 -21.49
N THR A 537 21.07 0.10 -21.08
CA THR A 537 21.38 0.24 -19.67
C THR A 537 20.40 1.19 -18.96
N PHE A 538 20.11 2.32 -19.60
CA PHE A 538 19.14 3.28 -19.06
C PHE A 538 17.71 2.72 -19.09
N ASP A 539 17.47 1.78 -19.99
CA ASP A 539 16.19 1.10 -20.05
C ASP A 539 16.04 0.21 -18.84
N SER A 540 17.10 -0.54 -18.54
CA SER A 540 17.12 -1.42 -17.39
C SER A 540 17.11 -0.61 -16.09
N LEU A 541 17.68 0.59 -16.17
CA LEU A 541 17.76 1.47 -15.01
C LEU A 541 16.40 2.04 -14.61
N MET A 542 15.59 2.38 -15.61
CA MET A 542 14.27 2.89 -15.30
C MET A 542 13.37 1.76 -14.81
N ASP A 543 13.69 0.54 -15.22
CA ASP A 543 12.98 -0.64 -14.75
C ASP A 543 13.22 -0.82 -13.25
N PHE A 544 14.41 -0.43 -12.82
CA PHE A 544 14.78 -0.49 -11.41
C PHE A 544 13.92 0.43 -10.55
N PHE A 545 13.79 1.68 -10.96
CA PHE A 545 13.04 2.67 -10.18
C PHE A 545 11.58 2.31 -9.99
N ILE A 546 10.92 1.97 -11.10
CA ILE A 546 9.49 1.63 -11.07
C ILE A 546 9.18 0.58 -10.03
N SER A 547 10.02 -0.47 -10.00
CA SER A 547 9.82 -1.57 -9.06
C SER A 547 10.15 -1.16 -7.63
N GLN A 548 10.82 -0.03 -7.47
CA GLN A 548 11.20 0.46 -6.16
C GLN A 548 10.19 1.43 -5.55
N GLY A 549 9.07 1.63 -6.23
CA GLY A 549 8.03 2.52 -5.73
C GLY A 549 7.99 3.86 -6.43
N ALA A 550 8.75 3.98 -7.51
CA ALA A 550 8.70 5.17 -8.35
C ALA A 550 7.59 5.03 -9.40
N SER A 551 6.91 6.13 -9.67
CA SER A 551 5.81 6.15 -10.64
C SER A 551 6.31 5.80 -12.03
N THR A 552 5.44 5.20 -12.85
CA THR A 552 5.91 4.43 -14.00
C THR A 552 6.84 5.13 -15.01
N GLY A 553 6.40 6.08 -15.85
CA GLY A 553 5.04 6.54 -16.09
C GLY A 553 4.64 7.90 -15.52
N GLN A 554 5.26 8.34 -14.45
CA GLN A 554 5.48 9.76 -14.22
C GLN A 554 6.92 10.03 -14.62
N TYR A 555 7.56 8.97 -15.09
CA TYR A 555 9.01 8.84 -15.12
C TYR A 555 9.78 9.89 -15.91
N LYS A 556 10.76 10.48 -15.24
CA LYS A 556 11.79 11.29 -15.88
C LYS A 556 13.14 10.85 -15.34
N THR A 557 14.17 10.87 -16.18
CA THR A 557 15.50 10.43 -15.78
C THR A 557 16.23 11.49 -14.96
N PRO A 558 16.56 11.17 -13.70
CA PRO A 558 17.30 12.09 -12.83
C PRO A 558 18.72 12.29 -13.33
N ARG A 559 19.20 13.53 -13.28
CA ARG A 559 20.52 13.87 -13.81
C ARG A 559 21.62 13.83 -12.74
N CYS A 560 21.25 13.44 -11.52
CA CYS A 560 22.22 13.23 -10.45
C CYS A 560 21.73 12.10 -9.55
N ILE A 561 22.65 11.26 -9.09
CA ILE A 561 22.24 10.09 -8.31
C ILE A 561 22.76 10.08 -6.87
N LYS A 562 21.83 10.25 -5.94
CA LYS A 562 22.11 10.19 -4.51
C LYS A 562 21.78 8.82 -3.90
N SER A 563 21.31 7.89 -4.73
CA SER A 563 20.52 6.75 -4.24
C SER A 563 21.05 5.97 -3.00
N GLY A 564 22.21 5.31 -3.04
CA GLY A 564 23.03 5.08 -4.22
C GLY A 564 22.84 3.65 -4.71
N LYS A 565 21.72 3.06 -4.32
CA LYS A 565 21.40 1.67 -4.65
C LYS A 565 21.24 1.45 -6.16
N ALA A 566 21.06 2.55 -6.89
CA ALA A 566 20.94 2.49 -8.34
C ALA A 566 22.30 2.65 -9.04
N LEU A 567 23.32 2.98 -8.26
CA LEU A 567 24.62 3.35 -8.82
C LEU A 567 25.36 2.16 -9.44
N GLN A 568 25.35 1.02 -8.76
CA GLN A 568 26.05 -0.16 -9.26
C GLN A 568 25.41 -0.70 -10.54
N VAL A 569 24.14 -0.37 -10.77
CA VAL A 569 23.44 -0.75 -11.99
C VAL A 569 24.13 -0.18 -13.21
N LEU A 570 24.60 1.07 -13.08
CA LEU A 570 25.36 1.71 -14.14
C LEU A 570 26.79 1.20 -14.14
N GLU A 571 27.34 1.00 -12.94
CA GLU A 571 28.68 0.47 -12.77
C GLU A 571 28.83 -0.90 -13.41
N THR A 572 27.83 -1.75 -13.19
CA THR A 572 27.81 -3.09 -13.74
C THR A 572 27.89 -3.05 -15.26
N CYS A 573 27.24 -2.08 -15.86
CA CYS A 573 27.12 -2.03 -17.32
C CYS A 573 28.21 -1.20 -18.03
N VAL A 574 29.17 -0.69 -17.26
CA VAL A 574 30.20 0.16 -17.86
C VAL A 574 31.12 -0.65 -18.76
N VAL A 575 31.20 -0.24 -20.03
CA VAL A 575 32.16 -0.82 -20.97
C VAL A 575 33.57 -0.20 -20.88
N ALA A 576 33.65 1.11 -20.68
CA ALA A 576 34.93 1.82 -20.66
C ALA A 576 34.85 3.15 -19.90
N LYS A 577 36.01 3.65 -19.47
CA LYS A 577 36.10 4.91 -18.75
C LYS A 577 37.10 5.85 -19.40
N PHE A 578 36.77 7.14 -19.44
CA PHE A 578 37.66 8.13 -20.04
C PHE A 578 37.79 9.39 -19.18
N PHE A 579 38.98 9.97 -19.18
CA PHE A 579 39.31 11.09 -18.30
C PHE A 579 39.76 12.33 -19.06
N SER A 580 39.69 13.46 -18.37
CA SER A 580 40.16 14.74 -18.90
C SER A 580 41.66 14.90 -18.62
N ILE A 581 42.18 16.11 -18.86
CA ILE A 581 43.60 16.42 -18.69
C ILE A 581 44.48 15.62 -19.65
N ASN B 14 9.65 -35.31 23.40
CA ASN B 14 10.98 -35.44 22.79
C ASN B 14 12.10 -35.11 23.78
N GLU B 15 13.24 -35.79 23.64
CA GLU B 15 14.39 -35.56 24.49
C GLU B 15 14.93 -34.14 24.30
N THR B 16 15.02 -33.72 23.04
CA THR B 16 15.49 -32.38 22.71
C THR B 16 14.49 -31.31 23.17
N PHE B 17 13.20 -31.61 23.02
CA PHE B 17 12.15 -30.68 23.45
C PHE B 17 12.12 -30.56 24.97
N GLU B 18 12.19 -31.69 25.65
CA GLU B 18 12.22 -31.72 27.10
C GLU B 18 13.49 -31.05 27.62
N LYS B 19 14.54 -31.09 26.81
CA LYS B 19 15.79 -30.42 27.14
C LYS B 19 15.66 -28.91 26.91
N GLN B 20 14.82 -28.52 25.97
CA GLN B 20 14.54 -27.11 25.71
C GLN B 20 13.74 -26.54 26.87
N LEU B 21 12.78 -27.32 27.33
CA LEU B 21 11.99 -26.95 28.50
C LEU B 21 12.89 -26.88 29.72
N LYS B 22 13.79 -27.86 29.87
CA LYS B 22 14.69 -27.93 31.02
C LYS B 22 15.67 -26.76 31.04
N ASP B 23 16.10 -26.32 29.87
CA ASP B 23 17.02 -25.20 29.76
C ASP B 23 16.30 -23.88 30.00
N LEU B 24 15.09 -23.77 29.43
CA LEU B 24 14.29 -22.56 29.57
C LEU B 24 13.58 -22.51 30.92
N THR B 25 13.22 -23.68 31.45
CA THR B 25 12.63 -23.78 32.78
C THR B 25 13.32 -24.88 33.57
N SER B 26 13.96 -24.51 34.68
CA SER B 26 13.89 -23.15 35.19
C SER B 26 15.10 -22.31 34.84
N ASN B 27 14.91 -21.37 33.92
CA ASN B 27 15.84 -20.28 33.77
C ASN B 27 15.52 -19.22 34.82
N VAL B 28 14.23 -18.97 35.02
CA VAL B 28 13.76 -17.88 35.87
C VAL B 28 14.39 -16.57 35.40
N LYS B 29 15.19 -15.95 36.25
CA LYS B 29 15.86 -14.71 35.89
C LYS B 29 17.15 -14.95 35.10
N SER B 30 17.59 -16.21 35.03
CA SER B 30 18.84 -16.54 34.36
C SER B 30 18.83 -16.19 32.87
N ILE B 31 17.86 -16.73 32.13
CA ILE B 31 17.76 -16.43 30.71
C ILE B 31 17.09 -15.08 30.48
N GLN B 32 16.50 -14.54 31.53
CA GLN B 32 15.92 -13.20 31.48
C GLN B 32 17.04 -12.17 31.55
N ASP B 33 18.03 -12.45 32.38
CA ASP B 33 19.21 -11.59 32.49
C ASP B 33 20.22 -11.93 31.40
N ASN B 34 20.04 -13.08 30.77
CA ASN B 34 20.84 -13.44 29.60
C ASN B 34 20.31 -12.75 28.36
N LEU B 35 18.98 -12.63 28.28
CA LEU B 35 18.35 -11.88 27.21
C LEU B 35 18.58 -10.40 27.47
N LEU B 36 18.63 -10.03 28.74
CA LEU B 36 18.96 -8.67 29.13
C LEU B 36 20.42 -8.37 28.78
N GLU B 37 21.27 -9.38 28.90
CA GLU B 37 22.67 -9.22 28.55
C GLU B 37 22.82 -9.04 27.05
N GLU B 38 22.24 -9.97 26.29
CA GLU B 38 22.31 -9.95 24.84
C GLU B 38 21.75 -8.65 24.27
N ILE B 39 20.54 -8.29 24.71
CA ILE B 39 19.89 -7.07 24.23
C ILE B 39 20.59 -5.78 24.68
N ILE B 40 20.82 -5.64 25.99
CA ILE B 40 21.31 -4.38 26.54
C ILE B 40 22.81 -4.12 26.30
N THR B 41 23.62 -5.18 26.25
CA THR B 41 25.07 -4.97 26.21
C THR B 41 25.55 -4.10 25.04
N PRO B 42 25.33 -4.52 23.78
CA PRO B 42 25.72 -3.50 22.81
C PRO B 42 24.58 -2.55 22.43
N ASN B 43 23.84 -2.00 23.40
CA ASN B 43 23.02 -0.83 23.14
C ASN B 43 23.81 0.47 23.21
N THR B 44 24.57 0.59 24.30
CA THR B 44 25.37 1.74 24.66
C THR B 44 25.93 1.37 26.04
N LYS B 45 26.96 2.07 26.51
CA LYS B 45 27.44 1.84 27.86
C LYS B 45 27.22 3.06 28.75
N THR B 46 26.32 2.92 29.71
CA THR B 46 25.98 3.98 30.66
C THR B 46 25.71 5.32 29.99
N ASP B 58 25.46 -2.44 36.52
CA ASP B 58 25.01 -3.34 35.45
C ASP B 58 23.51 -3.24 35.24
N LYS B 59 22.83 -4.38 35.31
CA LYS B 59 21.39 -4.44 35.10
C LYS B 59 20.62 -3.61 36.12
N GLU B 60 21.20 -3.41 37.29
CA GLU B 60 20.60 -2.58 38.33
C GLU B 60 20.64 -1.10 37.94
N LEU B 61 21.76 -0.68 37.35
CA LEU B 61 21.93 0.70 36.91
C LEU B 61 21.19 0.92 35.59
N PHE B 62 21.05 -0.14 34.81
CA PHE B 62 20.29 -0.07 33.56
C PHE B 62 18.82 0.10 33.86
N LYS B 63 18.33 -0.70 34.81
CA LYS B 63 16.93 -0.62 35.24
C LYS B 63 16.68 0.69 35.98
N LYS B 64 17.68 1.17 36.70
CA LYS B 64 17.58 2.46 37.36
C LYS B 64 17.48 3.56 36.33
N ASN B 65 18.21 3.41 35.23
CA ASN B 65 18.17 4.37 34.13
C ASN B 65 16.96 4.19 33.22
N VAL B 66 16.50 2.95 33.09
CA VAL B 66 15.38 2.68 32.18
C VAL B 66 14.04 3.11 32.78
N PRO B 67 13.42 4.14 32.15
CA PRO B 67 12.09 4.69 32.44
C PRO B 67 10.98 3.83 31.84
N ILE B 68 9.79 3.91 32.41
CA ILE B 68 8.63 3.19 31.87
C ILE B 68 8.02 3.97 30.71
N VAL B 69 7.74 3.27 29.61
CA VAL B 69 7.18 3.92 28.42
C VAL B 69 5.93 3.20 27.92
N SER B 70 5.01 3.96 27.33
CA SER B 70 3.78 3.41 26.78
C SER B 70 3.66 3.86 25.33
N TYR B 71 2.78 3.24 24.57
CA TYR B 71 2.62 3.60 23.17
C TYR B 71 2.09 5.02 23.01
N GLU B 72 1.37 5.52 24.02
CA GLU B 72 0.93 6.90 24.02
C GLU B 72 2.11 7.80 24.34
N ASP B 73 3.03 7.27 25.15
CA ASP B 73 4.27 7.98 25.47
C ASP B 73 5.28 7.84 24.34
N ILE B 74 5.30 6.67 23.70
CA ILE B 74 6.27 6.39 22.66
C ILE B 74 5.77 6.78 21.28
N LYS B 75 4.57 7.36 21.22
CA LYS B 75 3.99 7.82 19.97
C LYS B 75 4.81 8.95 19.32
N PRO B 76 5.20 9.98 20.10
CA PRO B 76 6.09 10.97 19.49
C PRO B 76 7.47 10.39 19.18
N TYR B 77 7.85 9.35 19.91
CA TYR B 77 9.13 8.69 19.69
C TYR B 77 9.10 7.85 18.42
N LEU B 78 7.96 7.22 18.16
CA LEU B 78 7.78 6.42 16.95
C LEU B 78 7.51 7.31 15.75
N ASP B 79 6.92 8.48 16.01
CA ASP B 79 6.55 9.41 14.94
C ASP B 79 7.77 10.05 14.28
N ARG B 80 8.93 9.90 14.90
CA ARG B 80 10.17 10.42 14.33
C ARG B 80 10.74 9.48 13.26
N VAL B 81 10.70 8.18 13.54
CA VAL B 81 11.32 7.18 12.67
C VAL B 81 10.46 6.82 11.46
N VAL B 82 9.16 7.06 11.56
CA VAL B 82 8.23 6.65 10.51
C VAL B 82 8.27 7.55 9.27
N ASN B 83 9.00 8.65 9.37
CA ASN B 83 9.10 9.59 8.26
C ASN B 83 9.87 9.00 7.08
N GLY B 84 9.23 9.01 5.92
CA GLY B 84 9.84 8.49 4.71
C GLY B 84 9.02 8.84 3.48
N GLU B 85 9.67 8.85 2.33
CA GLU B 85 9.01 9.21 1.08
C GLU B 85 9.46 8.32 -0.07
N SER B 86 8.51 7.93 -0.92
CA SER B 86 8.81 7.08 -2.07
C SER B 86 8.65 7.87 -3.37
N SER B 105 23.32 9.56 25.72
CA SER B 105 22.60 9.58 26.99
C SER B 105 21.20 9.01 26.82
N GLY B 106 21.11 7.91 26.08
CA GLY B 106 19.83 7.27 25.80
C GLY B 106 18.81 8.11 25.04
N GLY B 107 19.16 8.62 23.86
CA GLY B 107 20.42 8.36 23.20
C GLY B 107 20.47 6.98 22.58
N ALA B 108 19.35 6.58 21.98
CA ALA B 108 19.19 5.24 21.42
C ALA B 108 19.62 5.19 19.96
N GLN B 109 20.26 4.09 19.59
CA GLN B 109 20.80 3.91 18.25
C GLN B 109 20.67 2.45 17.83
N LYS B 110 21.28 2.09 16.71
CA LYS B 110 21.27 0.72 16.19
C LYS B 110 19.91 0.29 15.65
N MET B 111 18.93 1.17 15.76
CA MET B 111 17.56 0.90 15.34
C MET B 111 17.46 0.37 13.91
N MET B 112 16.70 -0.70 13.73
CA MET B 112 16.60 -1.38 12.45
C MET B 112 15.30 -1.06 11.72
N PRO B 113 15.41 -0.59 10.47
CA PRO B 113 14.28 -0.25 9.59
C PRO B 113 13.57 -1.49 9.08
N TRP B 114 12.63 -1.30 8.16
CA TRP B 114 11.82 -2.39 7.60
C TRP B 114 11.08 -3.16 8.68
N ASN B 115 11.11 -4.49 8.58
CA ASN B 115 10.44 -5.34 9.55
C ASN B 115 11.42 -5.96 10.56
N ASN B 116 11.02 -5.99 11.83
CA ASN B 116 11.89 -6.43 12.91
C ASN B 116 12.24 -7.92 12.87
N LYS B 117 13.34 -8.28 13.52
CA LYS B 117 13.76 -9.68 13.62
C LYS B 117 12.90 -10.43 14.63
N TYR B 118 12.06 -9.69 15.35
CA TYR B 118 11.20 -10.26 16.39
C TYR B 118 10.21 -11.26 15.82
N LEU B 119 10.10 -11.29 14.49
CA LEU B 119 9.32 -12.30 13.79
C LEU B 119 9.84 -13.70 14.10
N ASP B 120 11.16 -13.85 14.10
CA ASP B 120 11.80 -15.17 14.14
C ASP B 120 11.26 -16.08 15.25
N ASN B 121 11.18 -15.55 16.46
CA ASN B 121 10.73 -16.32 17.61
C ASN B 121 9.39 -16.99 17.38
N LEU B 122 8.49 -16.28 16.68
CA LEU B 122 7.17 -16.83 16.37
C LEU B 122 7.30 -18.18 15.67
N THR B 123 8.15 -18.22 14.65
CA THR B 123 8.41 -19.48 13.95
C THR B 123 8.84 -20.54 14.95
N PHE B 124 9.80 -20.16 15.80
CA PHE B 124 10.28 -21.04 16.84
C PHE B 124 9.11 -21.48 17.71
N ILE B 125 8.26 -20.53 18.08
CA ILE B 125 7.07 -20.85 18.86
C ILE B 125 6.22 -21.87 18.10
N TYR B 126 6.04 -21.63 16.81
CA TYR B 126 5.23 -22.50 15.96
C TYR B 126 5.74 -23.93 16.04
N ASP B 127 7.03 -24.09 16.32
CA ASP B 127 7.61 -25.42 16.45
C ASP B 127 7.21 -26.06 17.77
N LEU B 128 7.40 -25.33 18.87
CA LEU B 128 7.25 -25.95 20.20
C LEU B 128 5.83 -26.43 20.47
N ARG B 129 4.85 -25.61 20.10
CA ARG B 129 3.46 -25.96 20.32
C ARG B 129 3.01 -27.08 19.38
N MET B 130 3.86 -27.40 18.40
CA MET B 130 3.63 -28.58 17.57
C MET B 130 4.08 -29.81 18.34
N GLN B 131 5.19 -29.69 19.06
CA GLN B 131 5.76 -30.80 19.81
C GLN B 131 5.02 -31.06 21.11
N VAL B 132 4.45 -30.01 21.69
CA VAL B 132 3.70 -30.14 22.94
C VAL B 132 2.48 -31.04 22.76
N ILE B 133 1.60 -30.66 21.83
CA ILE B 133 0.37 -31.42 21.59
C ILE B 133 0.67 -32.85 21.16
N THR B 134 1.75 -33.01 20.40
CA THR B 134 2.20 -34.33 19.94
C THR B 134 2.43 -35.27 21.11
N LYS B 135 2.73 -34.71 22.28
CA LYS B 135 2.90 -35.51 23.48
C LYS B 135 1.54 -36.03 23.97
N HIS B 136 0.55 -35.14 24.04
CA HIS B 136 -0.75 -35.52 24.57
C HIS B 136 -1.74 -35.99 23.51
N VAL B 137 -1.37 -35.84 22.24
CA VAL B 137 -2.29 -36.18 21.15
C VAL B 137 -1.60 -36.95 20.02
N LYS B 138 -2.14 -38.11 19.69
CA LYS B 138 -1.65 -38.88 18.55
C LYS B 138 -2.61 -38.77 17.38
N GLY B 139 -2.28 -39.41 16.27
CA GLY B 139 -3.10 -39.39 15.08
C GLY B 139 -3.02 -38.10 14.29
N VAL B 140 -2.34 -37.11 14.86
CA VAL B 140 -2.16 -35.82 14.18
C VAL B 140 -0.98 -35.84 13.23
N GLU B 141 -0.11 -36.84 13.38
CA GLU B 141 1.10 -36.93 12.58
C GLU B 141 0.83 -37.65 11.26
N GLY B 145 -3.00 -29.62 9.07
CA GLY B 145 -4.33 -29.92 8.56
C GLY B 145 -4.97 -28.74 7.84
N MET B 146 -6.19 -28.41 8.24
CA MET B 146 -6.91 -27.30 7.62
C MET B 146 -6.95 -26.08 8.53
N MET B 147 -6.25 -25.02 8.13
CA MET B 147 -6.16 -23.81 8.94
C MET B 147 -6.65 -22.59 8.17
N PHE B 148 -6.98 -21.53 8.90
CA PHE B 148 -7.43 -20.28 8.29
C PHE B 148 -6.50 -19.13 8.63
N LEU B 149 -5.79 -18.63 7.63
CA LEU B 149 -4.90 -17.48 7.79
C LEU B 149 -4.97 -16.64 6.51
N PHE B 150 -4.91 -15.32 6.67
CA PHE B 150 -5.15 -14.44 5.54
C PHE B 150 -4.09 -13.35 5.37
N THR B 151 -4.01 -12.82 4.15
CA THR B 151 -3.06 -11.77 3.82
C THR B 151 -3.75 -10.66 3.03
N LYS B 152 -3.57 -9.43 3.47
CA LYS B 152 -4.11 -8.28 2.76
C LYS B 152 -2.97 -7.39 2.26
N GLN B 153 -3.19 -6.70 1.15
CA GLN B 153 -2.18 -5.80 0.61
C GLN B 153 -1.89 -4.67 1.58
N GLU B 154 -0.61 -4.48 1.90
CA GLU B 154 -0.20 -3.46 2.85
C GLU B 154 -0.02 -2.10 2.19
N ALA B 163 6.82 -4.02 7.10
CA ALA B 163 6.47 -2.94 8.01
C ALA B 163 6.09 -3.47 9.39
N ARG B 164 5.20 -2.75 10.06
CA ARG B 164 4.74 -3.11 11.40
C ARG B 164 3.51 -4.01 11.31
N VAL B 165 3.14 -4.37 10.09
CA VAL B 165 1.92 -5.11 9.80
C VAL B 165 1.95 -6.51 10.43
N ALA B 166 0.78 -7.09 10.62
CA ALA B 166 0.57 -8.34 11.37
C ALA B 166 1.03 -9.55 10.57
N THR B 167 0.68 -10.74 11.04
CA THR B 167 1.24 -12.01 10.56
C THR B 167 1.15 -12.20 9.06
N SER B 168 0.33 -11.38 8.41
CA SER B 168 0.43 -11.20 6.97
C SER B 168 1.88 -10.89 6.58
N SER B 169 2.58 -10.15 7.45
CA SER B 169 4.00 -9.88 7.25
C SER B 169 4.81 -11.16 7.29
N TYR B 170 4.45 -12.04 8.22
CA TYR B 170 5.11 -13.34 8.32
C TYR B 170 4.88 -14.16 7.07
N PHE B 171 3.67 -14.07 6.52
CA PHE B 171 3.32 -14.78 5.31
C PHE B 171 4.13 -14.20 4.14
N LYS B 172 4.40 -12.90 4.22
CA LYS B 172 5.24 -12.24 3.23
C LYS B 172 6.72 -12.43 3.57
N SER B 173 7.00 -12.85 4.79
CA SER B 173 8.37 -13.05 5.24
C SER B 173 9.00 -14.30 4.62
N ASP B 174 10.33 -14.33 4.61
CA ASP B 174 11.06 -15.47 4.05
C ASP B 174 11.14 -16.63 5.04
N TYR B 175 10.73 -16.38 6.28
CA TYR B 175 10.62 -17.43 7.29
C TYR B 175 9.48 -18.36 6.92
N PHE B 176 8.55 -17.85 6.13
CA PHE B 176 7.35 -18.59 5.76
C PHE B 176 7.62 -19.64 4.69
N LYS B 177 8.46 -19.27 3.71
CA LYS B 177 8.77 -20.17 2.60
C LYS B 177 9.77 -21.25 3.00
N ASN B 178 10.69 -20.90 3.90
CA ASN B 178 11.72 -21.83 4.33
C ASN B 178 11.33 -22.65 5.56
N ARG B 179 10.09 -22.48 6.03
CA ARG B 179 9.62 -23.18 7.22
C ARG B 179 9.57 -24.70 7.02
N PRO B 180 9.87 -25.46 8.08
CA PRO B 180 9.83 -26.93 8.03
C PRO B 180 8.40 -27.42 7.81
N SER B 181 8.21 -28.39 6.92
CA SER B 181 6.88 -28.90 6.65
C SER B 181 6.73 -30.35 7.10
N ASN B 182 5.95 -30.58 8.15
CA ASN B 182 5.65 -31.95 8.57
C ASN B 182 4.17 -32.28 8.63
N TRP B 183 3.50 -31.81 9.69
CA TRP B 183 2.05 -31.95 9.85
C TRP B 183 1.42 -30.61 10.21
N TYR B 184 1.85 -30.06 11.35
CA TYR B 184 1.45 -28.76 11.85
C TYR B 184 1.57 -27.72 10.74
N TYR B 185 2.62 -27.82 9.95
CA TYR B 185 2.85 -26.90 8.84
C TYR B 185 2.28 -27.46 7.54
N SER B 186 1.72 -28.66 7.59
CA SER B 186 1.13 -29.27 6.40
C SER B 186 -0.33 -28.86 6.28
N TYR B 187 -0.66 -28.18 5.18
CA TYR B 187 -2.01 -27.66 5.01
C TYR B 187 -2.68 -28.16 3.74
N THR B 188 -4.01 -28.22 3.77
CA THR B 188 -4.78 -28.62 2.62
C THR B 188 -4.85 -27.51 1.59
N SER B 189 -4.70 -26.27 2.04
CA SER B 189 -4.74 -25.12 1.16
C SER B 189 -3.34 -24.80 0.64
N PRO B 190 -3.20 -24.65 -0.68
CA PRO B 190 -1.94 -24.23 -1.29
C PRO B 190 -1.51 -22.89 -0.72
N ASP B 191 -0.20 -22.69 -0.56
CA ASP B 191 0.32 -21.49 0.07
C ASP B 191 0.05 -20.22 -0.75
N GLU B 192 -0.31 -20.41 -2.02
CA GLU B 192 -0.68 -19.30 -2.89
C GLU B 192 -2.03 -18.74 -2.46
N VAL B 193 -2.88 -19.61 -1.93
CA VAL B 193 -4.21 -19.21 -1.46
C VAL B 193 -4.11 -18.31 -0.23
N ILE B 194 -3.22 -18.67 0.69
CA ILE B 194 -3.04 -17.96 1.95
C ILE B 194 -2.61 -16.50 1.74
N LEU B 195 -1.91 -16.24 0.64
CA LEU B 195 -1.35 -14.93 0.38
C LEU B 195 -2.24 -14.03 -0.48
N CYS B 196 -3.43 -14.53 -0.85
CA CYS B 196 -4.35 -13.77 -1.67
C CYS B 196 -4.93 -12.56 -0.95
N PRO B 197 -4.79 -11.36 -1.54
CA PRO B 197 -5.30 -10.11 -0.97
C PRO B 197 -6.83 -10.09 -0.90
N ASN B 198 -7.46 -10.95 -1.70
CA ASN B 198 -8.91 -11.11 -1.63
C ASN B 198 -9.21 -12.27 -0.69
N ASN B 199 -9.77 -11.95 0.47
CA ASN B 199 -10.00 -12.97 1.49
C ASN B 199 -11.34 -13.69 1.34
N THR B 200 -12.22 -13.11 0.53
CA THR B 200 -13.52 -13.71 0.27
C THR B 200 -13.30 -14.92 -0.63
N GLU B 201 -12.30 -14.82 -1.50
CA GLU B 201 -11.89 -15.92 -2.35
C GLU B 201 -11.12 -16.96 -1.57
N SER B 202 -10.14 -16.51 -0.80
CA SER B 202 -9.25 -17.42 -0.10
C SER B 202 -9.94 -18.16 1.04
N LEU B 203 -11.03 -17.60 1.57
CA LEU B 203 -11.79 -18.31 2.59
C LEU B 203 -12.56 -19.47 1.97
N TYR B 204 -13.21 -19.19 0.84
CA TYR B 204 -13.92 -20.21 0.07
C TYR B 204 -12.95 -21.29 -0.39
N CYS B 205 -11.72 -20.89 -0.70
CA CYS B 205 -10.71 -21.83 -1.13
C CYS B 205 -10.21 -22.66 0.04
N HIS B 206 -10.15 -22.04 1.21
CA HIS B 206 -9.78 -22.75 2.43
C HIS B 206 -10.80 -23.85 2.66
N LEU B 207 -12.07 -23.47 2.59
CA LEU B 207 -13.18 -24.42 2.80
C LEU B 207 -13.25 -25.53 1.75
N LEU B 208 -12.99 -25.16 0.50
CA LEU B 208 -13.06 -26.11 -0.61
C LEU B 208 -11.93 -27.12 -0.53
N CYS B 209 -10.72 -26.62 -0.29
CA CYS B 209 -9.57 -27.50 -0.10
C CYS B 209 -9.78 -28.35 1.14
N GLY B 210 -10.49 -27.81 2.13
CA GLY B 210 -10.81 -28.56 3.33
C GLY B 210 -11.73 -29.72 3.01
N LEU B 211 -12.72 -29.46 2.16
CA LEU B 211 -13.69 -30.48 1.78
C LEU B 211 -13.08 -31.55 0.88
N VAL B 212 -12.10 -31.15 0.07
CA VAL B 212 -11.42 -32.08 -0.82
C VAL B 212 -10.46 -32.97 -0.02
N GLN B 213 -9.83 -32.36 0.98
CA GLN B 213 -8.91 -33.06 1.87
C GLN B 213 -9.60 -33.63 3.09
N ARG B 214 -10.93 -33.55 3.10
CA ARG B 214 -11.73 -33.96 4.26
C ARG B 214 -11.36 -35.36 4.74
N ASP B 215 -11.31 -35.49 6.07
CA ASP B 215 -10.90 -36.72 6.77
C ASP B 215 -9.38 -36.93 6.78
N GLU B 216 -8.66 -36.16 5.96
CA GLU B 216 -7.21 -36.17 5.99
C GLU B 216 -6.68 -35.05 6.88
N VAL B 217 -7.59 -34.24 7.42
CA VAL B 217 -7.21 -33.13 8.28
C VAL B 217 -7.18 -33.55 9.73
N VAL B 218 -6.04 -33.34 10.38
CA VAL B 218 -5.86 -33.71 11.78
C VAL B 218 -6.09 -32.55 12.73
N ARG B 219 -6.35 -31.37 12.17
CA ARG B 219 -6.52 -30.16 12.97
C ARG B 219 -7.31 -29.09 12.24
N THR B 220 -7.85 -28.14 13.00
CA THR B 220 -8.48 -26.95 12.42
C THR B 220 -8.49 -25.79 13.43
N GLY B 221 -8.61 -24.56 12.92
CA GLY B 221 -8.62 -23.38 13.76
C GLY B 221 -8.14 -22.13 13.07
N SER B 222 -8.16 -21.02 13.80
CA SER B 222 -7.68 -19.73 13.30
C SER B 222 -6.95 -19.01 14.42
N ILE B 223 -6.59 -17.76 14.18
CA ILE B 223 -5.95 -16.96 15.22
C ILE B 223 -6.97 -16.66 16.31
N PHE B 224 -8.11 -16.09 15.89
CA PHE B 224 -9.19 -15.74 16.81
C PHE B 224 -10.45 -16.53 16.49
N ALA B 225 -11.30 -16.71 17.51
CA ALA B 225 -12.52 -17.49 17.36
C ALA B 225 -13.64 -16.73 16.63
N SER B 226 -13.60 -15.41 16.70
CA SER B 226 -14.55 -14.57 15.96
C SER B 226 -14.41 -14.82 14.46
N VAL B 227 -13.20 -15.16 14.03
CA VAL B 227 -12.93 -15.55 12.66
C VAL B 227 -13.56 -16.92 12.40
N MET B 228 -13.50 -17.78 13.41
CA MET B 228 -13.98 -19.16 13.28
C MET B 228 -15.49 -19.22 13.12
N VAL B 229 -16.21 -18.46 13.94
CA VAL B 229 -17.68 -18.42 13.86
C VAL B 229 -18.14 -17.96 12.48
N ARG B 230 -17.43 -16.98 11.92
CA ARG B 230 -17.69 -16.49 10.58
C ARG B 230 -17.38 -17.58 9.56
N ALA B 231 -16.30 -18.33 9.81
CA ALA B 231 -15.90 -19.43 8.95
C ALA B 231 -16.96 -20.53 8.94
N ILE B 232 -17.72 -20.62 10.02
CA ILE B 232 -18.86 -21.53 10.09
C ILE B 232 -20.03 -20.93 9.32
N GLU B 233 -20.28 -19.64 9.52
CA GLU B 233 -21.40 -18.95 8.90
C GLU B 233 -21.35 -19.01 7.37
N VAL B 234 -20.17 -18.78 6.79
CA VAL B 234 -20.00 -18.79 5.34
C VAL B 234 -20.38 -20.15 4.74
N LEU B 235 -20.08 -21.22 5.45
CA LEU B 235 -20.52 -22.55 5.05
C LEU B 235 -22.02 -22.71 5.25
N LYS B 236 -22.52 -22.12 6.34
CA LYS B 236 -23.95 -22.17 6.63
C LYS B 236 -24.79 -21.58 5.51
N ASN B 237 -24.36 -20.45 4.95
CA ASN B 237 -25.09 -19.85 3.84
C ASN B 237 -24.64 -20.34 2.45
N SER B 238 -23.52 -21.03 2.39
CA SER B 238 -23.04 -21.59 1.13
C SER B 238 -22.52 -23.02 1.23
N TRP B 239 -23.17 -23.94 0.52
CA TRP B 239 -22.67 -25.31 0.36
C TRP B 239 -22.64 -25.76 -1.10
N GLU B 240 -23.80 -25.79 -1.74
CA GLU B 240 -23.97 -26.32 -3.08
C GLU B 240 -23.04 -25.72 -4.13
N GLU B 241 -22.54 -24.51 -3.89
CA GLU B 241 -21.58 -23.90 -4.80
C GLU B 241 -20.29 -24.70 -4.86
N LEU B 242 -19.79 -25.10 -3.69
CA LEU B 242 -18.60 -25.92 -3.60
C LEU B 242 -18.87 -27.27 -4.26
N CYS B 243 -20.09 -27.76 -4.10
CA CYS B 243 -20.51 -29.02 -4.68
C CYS B 243 -20.55 -28.93 -6.21
N SER B 244 -20.81 -27.75 -6.74
CA SER B 244 -20.81 -27.53 -8.17
C SER B 244 -19.38 -27.39 -8.68
N ASN B 245 -18.52 -26.77 -7.86
CA ASN B 245 -17.13 -26.57 -8.24
C ASN B 245 -16.29 -27.84 -8.19
N ILE B 246 -16.68 -28.79 -7.33
CA ILE B 246 -15.98 -30.07 -7.31
C ILE B 246 -16.42 -30.95 -8.49
N ARG B 247 -17.65 -30.73 -8.96
CA ARG B 247 -18.15 -31.44 -10.13
C ARG B 247 -17.56 -30.89 -11.42
N SER B 248 -17.56 -29.57 -11.56
CA SER B 248 -17.01 -28.93 -12.75
C SER B 248 -15.50 -29.11 -12.81
N GLY B 249 -14.89 -29.33 -11.64
CA GLY B 249 -13.45 -29.41 -11.54
C GLY B 249 -12.84 -28.03 -11.55
N HIS B 250 -13.70 -27.02 -11.66
CA HIS B 250 -13.26 -25.64 -11.72
C HIS B 250 -13.86 -24.87 -10.55
N LEU B 251 -13.05 -24.00 -9.94
CA LEU B 251 -13.57 -23.09 -8.93
C LEU B 251 -14.49 -22.07 -9.60
N SER B 252 -15.34 -21.44 -8.80
CA SER B 252 -16.22 -20.39 -9.32
C SER B 252 -15.40 -19.31 -10.02
N ASN B 253 -15.94 -18.80 -11.11
CA ASN B 253 -15.22 -17.88 -12.00
C ASN B 253 -14.63 -16.65 -11.33
N TRP B 254 -15.25 -16.23 -10.24
CA TRP B 254 -14.87 -14.99 -9.57
C TRP B 254 -13.53 -15.03 -8.84
N VAL B 255 -12.90 -16.20 -8.77
CA VAL B 255 -11.63 -16.31 -8.08
C VAL B 255 -10.53 -15.74 -8.99
N THR B 256 -9.88 -14.69 -8.50
CA THR B 256 -9.06 -13.83 -9.35
C THR B 256 -7.56 -14.09 -9.45
N ASP B 257 -7.01 -14.96 -8.61
CA ASP B 257 -5.56 -15.09 -8.53
C ASP B 257 -5.03 -16.33 -9.26
N LEU B 258 -3.93 -16.15 -10.01
CA LEU B 258 -3.36 -17.20 -10.84
C LEU B 258 -3.07 -18.48 -10.07
N GLY B 259 -2.29 -18.35 -9.00
CA GLY B 259 -1.87 -19.48 -8.20
C GLY B 259 -3.04 -20.28 -7.65
N CYS B 260 -3.95 -19.60 -6.97
CA CYS B 260 -5.11 -20.25 -6.38
C CYS B 260 -6.07 -20.76 -7.44
N GLN B 261 -6.26 -20.01 -8.52
CA GLN B 261 -7.14 -20.45 -9.59
C GLN B 261 -6.66 -21.77 -10.18
N ASN B 262 -5.41 -21.79 -10.65
CA ASN B 262 -4.83 -22.99 -11.24
C ASN B 262 -4.75 -24.16 -10.26
N SER B 263 -4.15 -23.91 -9.10
CA SER B 263 -3.94 -24.96 -8.09
C SER B 263 -5.25 -25.56 -7.59
N VAL B 264 -6.25 -24.71 -7.32
CA VAL B 264 -7.54 -25.22 -6.88
C VAL B 264 -8.28 -25.92 -8.02
N SER B 265 -8.07 -25.46 -9.25
CA SER B 265 -8.64 -26.13 -10.42
C SER B 265 -8.04 -27.53 -10.54
N LEU B 266 -6.79 -27.67 -10.09
CA LEU B 266 -6.12 -28.97 -10.09
C LEU B 266 -6.54 -29.86 -8.92
N VAL B 267 -6.81 -29.25 -7.77
CA VAL B 267 -7.23 -29.98 -6.58
C VAL B 267 -8.64 -30.54 -6.78
N LEU B 268 -9.53 -29.69 -7.27
CA LEU B 268 -10.83 -30.12 -7.73
C LEU B 268 -10.58 -31.17 -8.81
N GLY B 269 -9.77 -30.78 -9.79
CA GLY B 269 -9.26 -31.69 -10.80
C GLY B 269 -10.33 -32.51 -11.49
N GLY B 270 -10.14 -33.82 -11.48
CA GLY B 270 -11.18 -34.74 -11.92
C GLY B 270 -12.33 -34.65 -10.95
N PRO B 271 -13.56 -34.56 -11.47
CA PRO B 271 -14.78 -34.38 -10.68
C PRO B 271 -14.92 -35.44 -9.58
N ARG B 272 -15.49 -35.05 -8.45
CA ARG B 272 -15.73 -36.01 -7.38
C ARG B 272 -17.19 -36.00 -6.93
N PRO B 273 -18.07 -36.62 -7.71
CA PRO B 273 -19.49 -36.73 -7.34
C PRO B 273 -19.68 -37.64 -6.13
N GLU B 274 -18.75 -38.57 -5.95
CA GLU B 274 -18.77 -39.50 -4.84
C GLU B 274 -18.82 -38.76 -3.51
N LEU B 275 -17.99 -37.72 -3.39
CA LEU B 275 -18.00 -36.88 -2.21
C LEU B 275 -19.16 -35.88 -2.28
N ALA B 276 -19.53 -35.48 -3.50
CA ALA B 276 -20.56 -34.48 -3.69
C ALA B 276 -21.93 -34.91 -3.13
N ASP B 277 -22.33 -36.12 -3.46
CA ASP B 277 -23.65 -36.61 -3.03
C ASP B 277 -23.71 -36.84 -1.53
N THR B 278 -22.66 -37.43 -0.97
CA THR B 278 -22.60 -37.68 0.47
C THR B 278 -22.52 -36.38 1.27
N ILE B 279 -21.86 -35.38 0.70
CA ILE B 279 -21.82 -34.05 1.29
C ILE B 279 -23.21 -33.44 1.24
N GLU B 280 -23.88 -33.61 0.11
CA GLU B 280 -25.25 -33.14 -0.04
C GLU B 280 -26.16 -33.74 1.03
N GLU B 281 -25.99 -35.03 1.29
CA GLU B 281 -26.79 -35.70 2.31
C GLU B 281 -26.38 -35.24 3.71
N ILE B 282 -25.11 -34.90 3.88
CA ILE B 282 -24.59 -34.53 5.19
C ILE B 282 -25.01 -33.13 5.65
N CYS B 283 -24.94 -32.17 4.74
CA CYS B 283 -25.24 -30.78 5.05
C CYS B 283 -26.74 -30.49 5.12
N ASN B 284 -27.52 -31.17 4.28
CA ASN B 284 -28.96 -30.98 4.22
C ASN B 284 -29.72 -31.43 5.47
N GLN B 285 -29.01 -32.08 6.39
CA GLN B 285 -29.61 -32.52 7.66
C GLN B 285 -30.20 -31.35 8.44
N ASN B 286 -31.27 -31.61 9.17
CA ASN B 286 -32.05 -30.55 9.81
C ASN B 286 -31.39 -29.87 11.00
N SER B 287 -30.25 -30.40 11.44
CA SER B 287 -29.58 -29.85 12.61
C SER B 287 -28.12 -29.48 12.32
N TRP B 288 -27.71 -28.31 12.79
CA TRP B 288 -26.33 -27.86 12.64
C TRP B 288 -25.50 -28.20 13.88
N LYS B 289 -26.13 -28.86 14.84
CA LYS B 289 -25.47 -29.24 16.08
C LYS B 289 -24.30 -30.18 15.83
N GLY B 290 -23.12 -29.80 16.34
CA GLY B 290 -21.91 -30.60 16.21
C GLY B 290 -21.59 -31.07 14.80
N ILE B 291 -21.83 -30.20 13.83
CA ILE B 291 -21.69 -30.56 12.42
C ILE B 291 -20.24 -30.58 11.92
N VAL B 292 -19.36 -29.82 12.57
CA VAL B 292 -17.97 -29.68 12.12
C VAL B 292 -17.18 -30.99 12.24
N LYS B 293 -17.53 -31.82 13.21
CA LYS B 293 -16.80 -33.05 13.47
C LYS B 293 -17.01 -34.10 12.38
N ARG B 294 -18.10 -33.97 11.63
CA ARG B 294 -18.50 -34.99 10.67
C ARG B 294 -17.48 -35.29 9.57
N LEU B 295 -17.09 -34.27 8.82
CA LEU B 295 -16.20 -34.48 7.67
C LEU B 295 -14.71 -34.47 8.05
N TRP B 296 -14.42 -34.15 9.31
CA TRP B 296 -13.06 -34.23 9.81
C TRP B 296 -13.02 -34.92 11.18
N PRO B 297 -13.29 -36.23 11.22
CA PRO B 297 -13.30 -36.97 12.47
C PRO B 297 -11.90 -37.13 13.05
N ASN B 298 -10.89 -36.97 12.19
CA ASN B 298 -9.51 -37.11 12.62
C ASN B 298 -8.93 -35.82 13.19
N THR B 299 -9.75 -34.77 13.22
CA THR B 299 -9.35 -33.54 13.89
C THR B 299 -9.59 -33.71 15.38
N LYS B 300 -8.50 -33.63 16.15
CA LYS B 300 -8.57 -33.83 17.60
C LYS B 300 -9.03 -32.58 18.35
N TYR B 301 -8.53 -31.43 17.91
CA TYR B 301 -8.62 -30.21 18.71
C TYR B 301 -8.97 -28.98 17.88
N ILE B 302 -9.32 -27.90 18.59
CA ILE B 302 -9.56 -26.60 17.96
C ILE B 302 -8.52 -25.61 18.45
N GLU B 303 -7.80 -24.97 17.53
CA GLU B 303 -6.81 -23.98 17.92
C GLU B 303 -7.21 -22.56 17.55
N THR B 304 -7.56 -21.79 18.59
CA THR B 304 -7.93 -20.37 18.48
C THR B 304 -7.70 -19.82 19.87
N VAL B 305 -7.61 -18.50 20.01
CA VAL B 305 -7.53 -17.96 21.37
C VAL B 305 -8.95 -17.81 21.93
N VAL B 306 -9.23 -18.57 22.98
CA VAL B 306 -10.54 -18.52 23.64
C VAL B 306 -10.50 -17.64 24.87
N THR B 307 -9.34 -17.06 25.14
CA THR B 307 -9.19 -16.18 26.29
C THR B 307 -9.68 -14.79 25.89
N GLY B 308 -9.70 -13.86 26.84
CA GLY B 308 -10.19 -12.51 26.58
C GLY B 308 -11.62 -12.48 26.06
N SER B 309 -11.94 -11.42 25.33
CA SER B 309 -13.28 -11.20 24.79
C SER B 309 -13.74 -12.34 23.88
N MET B 310 -12.77 -12.99 23.23
CA MET B 310 -13.06 -14.11 22.35
C MET B 310 -13.76 -15.26 23.09
N GLY B 311 -13.68 -15.23 24.42
CA GLY B 311 -14.39 -16.18 25.26
C GLY B 311 -15.87 -16.20 24.94
N GLN B 312 -16.37 -15.06 24.48
CA GLN B 312 -17.76 -14.91 24.06
C GLN B 312 -18.18 -15.99 23.05
N TYR B 313 -17.24 -16.41 22.21
CA TYR B 313 -17.56 -17.38 21.16
C TYR B 313 -17.34 -18.83 21.58
N VAL B 314 -16.94 -19.04 22.84
CA VAL B 314 -16.70 -20.40 23.32
C VAL B 314 -17.94 -21.32 23.34
N PRO B 315 -19.04 -20.89 23.99
CA PRO B 315 -20.19 -21.79 24.06
C PRO B 315 -20.84 -22.03 22.69
N MET B 316 -20.86 -21.01 21.84
CA MET B 316 -21.47 -21.12 20.52
C MET B 316 -20.72 -22.14 19.66
N LEU B 317 -19.40 -22.21 19.87
CA LEU B 317 -18.60 -23.22 19.20
C LEU B 317 -18.98 -24.61 19.70
N ASN B 318 -19.22 -24.72 21.00
CA ASN B 318 -19.60 -25.99 21.61
C ASN B 318 -20.89 -26.57 21.05
N TYR B 319 -21.77 -25.69 20.57
CA TYR B 319 -22.97 -26.12 19.88
C TYR B 319 -22.60 -26.57 18.47
N TYR B 320 -21.73 -25.80 17.82
CA TYR B 320 -21.31 -26.10 16.46
C TYR B 320 -20.36 -27.30 16.40
N CYS B 321 -19.83 -27.68 17.55
CA CYS B 321 -18.89 -28.80 17.61
C CYS B 321 -19.32 -29.90 18.57
N ASN B 322 -18.45 -30.90 18.71
CA ASN B 322 -18.70 -32.07 19.54
C ASN B 322 -18.22 -31.85 20.98
N ASP B 323 -17.82 -30.61 21.26
CA ASP B 323 -17.10 -30.24 22.48
C ASP B 323 -15.71 -30.85 22.53
N LEU B 324 -15.01 -30.80 21.40
CA LEU B 324 -13.60 -31.12 21.34
C LEU B 324 -12.85 -30.02 22.07
N PRO B 325 -11.62 -30.30 22.52
CA PRO B 325 -10.86 -29.30 23.28
C PRO B 325 -10.65 -27.99 22.52
N LEU B 326 -10.97 -26.88 23.18
CA LEU B 326 -10.68 -25.55 22.65
C LEU B 326 -9.41 -25.02 23.31
N VAL B 327 -8.36 -24.88 22.51
CA VAL B 327 -7.04 -24.56 23.06
C VAL B 327 -6.49 -23.25 22.51
N SER B 328 -6.05 -22.38 23.43
CA SER B 328 -5.41 -21.13 23.05
C SER B 328 -3.90 -21.31 23.16
N THR B 329 -3.22 -21.34 22.03
CA THR B 329 -1.81 -21.63 22.01
C THR B 329 -0.92 -20.46 22.42
N THR B 330 -1.16 -19.27 21.86
CA THR B 330 -0.21 -18.17 22.00
C THR B 330 -0.86 -16.81 22.30
N TYR B 331 -0.19 -16.02 23.12
CA TYR B 331 -0.58 -14.63 23.36
C TYR B 331 0.50 -13.66 22.88
N GLY B 332 0.12 -12.77 21.97
CA GLY B 332 1.04 -11.76 21.46
C GLY B 332 0.32 -10.52 20.96
N SER B 333 1.03 -9.40 20.94
CA SER B 333 0.45 -8.13 20.51
C SER B 333 1.35 -7.45 19.49
N SER B 334 0.96 -6.23 19.10
CA SER B 334 1.73 -5.45 18.13
C SER B 334 3.14 -5.17 18.64
N GLU B 335 3.31 -5.13 19.96
CA GLU B 335 4.62 -4.87 20.56
C GLU B 335 5.58 -6.05 20.36
N THR B 336 5.13 -7.24 20.73
CA THR B 336 5.95 -8.45 20.65
C THR B 336 5.15 -9.67 21.09
N THR B 337 5.70 -10.86 20.84
CA THR B 337 5.06 -12.11 21.25
C THR B 337 5.42 -12.40 22.70
N PHE B 338 4.40 -12.70 23.51
CA PHE B 338 4.61 -12.83 24.96
C PHE B 338 4.90 -14.25 25.43
N GLY B 339 3.88 -15.10 25.39
CA GLY B 339 4.03 -16.46 25.87
C GLY B 339 2.95 -17.41 25.39
N ILE B 340 3.10 -18.69 25.74
CA ILE B 340 2.19 -19.72 25.28
C ILE B 340 1.57 -20.51 26.43
N ASN B 341 0.37 -21.03 26.21
CA ASN B 341 -0.25 -21.89 27.21
C ASN B 341 0.33 -23.29 27.12
N LEU B 342 0.92 -23.75 28.22
CA LEU B 342 1.58 -25.05 28.26
C LEU B 342 0.61 -26.13 28.71
N ASP B 343 -0.64 -25.74 28.95
CA ASP B 343 -1.65 -26.68 29.41
C ASP B 343 -2.86 -26.67 28.49
N PRO B 344 -2.85 -27.54 27.48
CA PRO B 344 -3.97 -27.73 26.55
C PRO B 344 -5.19 -28.32 27.25
N LEU B 345 -4.96 -28.94 28.41
CA LEU B 345 -6.03 -29.51 29.20
C LEU B 345 -6.91 -28.42 29.81
N CYS B 346 -6.37 -27.21 29.84
CA CYS B 346 -7.07 -26.07 30.43
C CYS B 346 -8.37 -25.74 29.71
N LYS B 347 -9.45 -25.63 30.48
CA LYS B 347 -10.72 -25.17 29.96
C LYS B 347 -10.58 -23.69 29.62
N PRO B 348 -11.41 -23.19 28.69
CA PRO B 348 -11.29 -21.83 28.16
C PRO B 348 -11.15 -20.73 29.21
N GLU B 349 -11.76 -20.91 30.39
CA GLU B 349 -11.70 -19.89 31.42
C GLU B 349 -10.38 -19.89 32.20
N ASP B 350 -9.79 -21.08 32.37
CA ASP B 350 -8.55 -21.20 33.12
C ASP B 350 -7.27 -21.22 32.27
N VAL B 351 -7.43 -21.05 30.95
CA VAL B 351 -6.29 -21.06 30.04
C VAL B 351 -5.25 -20.00 30.44
N SER B 352 -4.01 -20.44 30.61
CA SER B 352 -2.97 -19.57 31.15
C SER B 352 -1.70 -19.56 30.29
N TYR B 353 -1.28 -18.36 29.90
CA TYR B 353 -0.09 -18.20 29.06
C TYR B 353 1.18 -18.00 29.89
N THR B 354 2.10 -18.94 29.81
CA THR B 354 3.42 -18.78 30.41
C THR B 354 4.33 -18.05 29.42
N PHE B 355 4.92 -16.95 29.87
CA PHE B 355 5.75 -16.12 29.00
C PHE B 355 7.16 -16.70 28.86
N SER B 360 11.44 -11.86 26.27
CA SER B 360 11.03 -11.11 27.46
C SER B 360 12.10 -10.11 27.86
N TYR B 361 11.68 -8.86 28.09
CA TYR B 361 12.61 -7.83 28.55
C TYR B 361 12.90 -8.03 30.03
N PHE B 362 11.90 -7.76 30.87
CA PHE B 362 12.00 -8.11 32.27
C PHE B 362 10.64 -8.36 32.92
N GLU B 363 10.65 -9.28 33.89
CA GLU B 363 9.48 -9.63 34.68
C GLU B 363 9.94 -9.69 36.14
N PHE B 364 8.97 -9.80 37.05
CA PHE B 364 9.21 -9.79 38.49
C PHE B 364 9.64 -8.40 38.95
N LYS B 382 5.97 -11.56 40.11
CA LYS B 382 5.50 -11.58 41.49
C LYS B 382 4.59 -12.77 41.73
N LEU B 383 3.79 -12.68 42.79
CA LEU B 383 2.85 -13.75 43.12
C LEU B 383 1.56 -13.21 43.74
N GLY B 384 0.44 -13.82 43.36
CA GLY B 384 -0.85 -13.50 43.95
C GLY B 384 -1.32 -12.07 43.77
N CYS B 385 -0.98 -11.46 42.64
CA CYS B 385 -1.40 -10.08 42.37
C CYS B 385 -1.63 -9.84 40.88
N THR B 386 -2.34 -8.75 40.57
CA THR B 386 -2.75 -8.45 39.20
C THR B 386 -2.24 -7.11 38.70
N TYR B 387 -1.42 -7.13 37.66
CA TYR B 387 -0.95 -5.90 37.00
C TYR B 387 -0.48 -6.10 35.56
N GLU B 388 -0.39 -4.98 34.83
CA GLU B 388 0.06 -4.96 33.44
C GLU B 388 1.50 -5.47 33.29
N PRO B 389 1.76 -6.28 32.26
CA PRO B 389 3.11 -6.78 31.98
C PRO B 389 4.00 -5.69 31.39
N VAL B 390 5.29 -5.74 31.73
CA VAL B 390 6.26 -4.76 31.23
C VAL B 390 7.66 -5.37 31.14
N ALA B 395 13.20 -6.66 20.80
CA ALA B 395 14.18 -5.65 20.40
C ALA B 395 13.50 -4.48 19.69
N GLY B 396 13.99 -3.28 19.98
CA GLY B 396 13.49 -2.06 19.36
C GLY B 396 12.56 -1.21 20.20
N LEU B 397 11.93 -1.81 21.21
CA LEU B 397 11.13 -1.03 22.16
C LEU B 397 11.45 -1.45 23.59
N TYR B 398 12.00 -0.53 24.37
CA TYR B 398 12.52 -0.88 25.70
C TYR B 398 11.65 -0.36 26.84
N ARG B 399 11.43 -1.23 27.83
CA ARG B 399 10.62 -0.90 29.01
C ARG B 399 9.24 -0.39 28.63
N MET B 400 8.59 -1.11 27.73
CA MET B 400 7.33 -0.66 27.14
C MET B 400 6.09 -1.19 27.87
N ARG B 401 5.08 -0.35 27.97
CA ARG B 401 3.78 -0.76 28.51
C ARG B 401 2.90 -1.26 27.38
N VAL B 402 2.43 -2.49 27.50
CA VAL B 402 1.67 -3.14 26.44
C VAL B 402 0.26 -2.57 26.29
N GLY B 403 -0.38 -2.27 27.43
CA GLY B 403 -1.75 -1.79 27.42
C GLY B 403 -2.75 -2.90 27.68
N ASP B 404 -2.27 -4.02 28.20
CA ASP B 404 -3.12 -5.14 28.58
C ASP B 404 -2.97 -5.45 30.06
N ILE B 405 -3.99 -6.09 30.64
CA ILE B 405 -3.95 -6.50 32.03
C ILE B 405 -3.88 -8.02 32.12
N VAL B 406 -2.93 -8.52 32.92
CA VAL B 406 -2.73 -9.95 33.07
C VAL B 406 -2.62 -10.30 34.56
N LEU B 407 -3.03 -11.50 34.93
CA LEU B 407 -2.87 -11.98 36.30
C LEU B 407 -2.08 -13.28 36.32
N VAL B 408 -1.54 -13.64 37.48
CA VAL B 408 -0.80 -14.89 37.62
C VAL B 408 -1.74 -16.04 38.03
N THR B 409 -1.83 -17.04 37.16
CA THR B 409 -2.75 -18.16 37.38
C THR B 409 -2.07 -19.27 38.16
N GLY B 410 -0.77 -19.13 38.35
CA GLY B 410 0.00 -20.13 39.07
C GLY B 410 1.43 -20.17 38.58
N PHE B 411 2.13 -21.27 38.86
CA PHE B 411 3.49 -21.46 38.40
C PHE B 411 3.86 -22.94 38.35
N TYR B 412 4.92 -23.23 37.59
CA TYR B 412 5.52 -24.57 37.63
C TYR B 412 6.65 -24.51 38.63
N ASN B 413 6.79 -23.33 39.25
CA ASN B 413 7.85 -22.96 40.18
C ASN B 413 9.16 -22.73 39.44
N ASN B 414 9.21 -23.20 38.20
CA ASN B 414 10.25 -22.83 37.25
C ASN B 414 9.93 -21.50 36.62
N ALA B 415 8.67 -21.35 36.24
CA ALA B 415 8.15 -20.12 35.65
C ALA B 415 6.70 -19.93 36.06
N PRO B 416 6.26 -18.66 36.21
CA PRO B 416 4.88 -18.36 36.56
C PRO B 416 3.90 -18.53 35.39
N GLN B 417 2.63 -18.74 35.71
CA GLN B 417 1.58 -18.88 34.70
C GLN B 417 0.71 -17.64 34.66
N PHE B 418 0.19 -17.29 33.48
CA PHE B 418 -0.57 -16.05 33.32
C PHE B 418 -1.85 -16.18 32.48
N LYS B 419 -2.98 -15.80 33.08
CA LYS B 419 -4.27 -15.76 32.40
C LYS B 419 -4.61 -14.34 31.96
N PHE B 420 -5.16 -14.19 30.76
CA PHE B 420 -5.54 -12.87 30.24
C PHE B 420 -6.93 -12.46 30.73
N VAL B 421 -7.02 -11.26 31.32
CA VAL B 421 -8.31 -10.76 31.81
C VAL B 421 -8.95 -9.73 30.88
N ARG B 422 -8.31 -8.57 30.72
CA ARG B 422 -8.90 -7.48 29.95
C ARG B 422 -7.85 -6.55 29.32
N ARG B 423 -8.29 -5.78 28.34
CA ARG B 423 -7.42 -4.80 27.67
C ARG B 423 -7.72 -3.39 28.16
N GLU B 424 -6.67 -2.58 28.28
CA GLU B 424 -6.80 -1.23 28.82
C GLU B 424 -7.35 -0.21 27.83
N ASN B 425 -7.18 -0.49 26.54
CA ASN B 425 -7.61 0.45 25.50
C ASN B 425 -9.10 0.75 25.49
N VAL B 426 -9.92 -0.29 25.47
CA VAL B 426 -11.36 -0.12 25.34
C VAL B 426 -12.09 0.08 26.67
N VAL B 427 -12.73 1.24 26.81
CA VAL B 427 -13.62 1.50 27.92
C VAL B 427 -14.87 2.19 27.37
N LEU B 428 -15.94 2.16 28.14
CA LEU B 428 -17.17 2.85 27.74
C LEU B 428 -17.49 3.91 28.77
N SER B 429 -17.48 5.18 28.34
CA SER B 429 -17.62 6.29 29.28
C SER B 429 -18.51 7.41 28.77
N ILE B 430 -19.25 8.02 29.70
CA ILE B 430 -19.97 9.25 29.41
C ILE B 430 -19.48 10.33 30.37
N ASP B 431 -19.89 10.24 31.63
CA ASP B 431 -19.35 11.12 32.65
C ASP B 431 -18.71 10.34 33.79
N SER B 432 -17.39 10.42 33.88
CA SER B 432 -16.61 9.92 35.02
C SER B 432 -16.79 8.44 35.33
N ASP B 433 -17.19 7.63 34.34
CA ASP B 433 -17.35 6.20 34.55
C ASP B 433 -16.72 5.35 33.45
N LYS B 434 -15.73 4.55 33.79
CA LYS B 434 -15.10 3.68 32.81
C LYS B 434 -15.50 2.24 33.02
N THR B 435 -16.31 1.73 32.08
CA THR B 435 -16.72 0.33 32.11
C THR B 435 -15.92 -0.42 31.04
N ASN B 436 -15.30 -1.53 31.45
CA ASN B 436 -14.33 -2.20 30.60
C ASN B 436 -14.76 -3.59 30.12
N GLU B 437 -13.85 -4.24 29.40
CA GLU B 437 -14.13 -5.52 28.74
C GLU B 437 -14.67 -6.60 29.68
N GLU B 438 -14.09 -6.73 30.87
CA GLU B 438 -14.54 -7.75 31.81
C GLU B 438 -15.83 -7.34 32.51
N ASP B 439 -16.05 -6.03 32.64
CA ASP B 439 -17.32 -5.52 33.15
C ASP B 439 -18.42 -5.83 32.16
N LEU B 440 -18.14 -5.53 30.89
CA LEU B 440 -19.05 -5.84 29.80
C LEU B 440 -19.35 -7.33 29.73
N PHE B 441 -18.31 -8.13 29.94
CA PHE B 441 -18.44 -9.58 29.89
C PHE B 441 -19.28 -10.10 31.05
N LYS B 442 -19.09 -9.51 32.23
CA LYS B 442 -19.92 -9.82 33.38
C LYS B 442 -21.38 -9.51 33.07
N ALA B 443 -21.61 -8.31 32.53
CA ALA B 443 -22.94 -7.87 32.13
C ALA B 443 -23.62 -8.85 31.19
N VAL B 444 -23.04 -9.04 30.00
CA VAL B 444 -23.59 -9.96 29.01
C VAL B 444 -23.66 -11.40 29.52
N SER B 445 -22.87 -11.71 30.55
CA SER B 445 -22.97 -13.02 31.21
C SER B 445 -24.26 -13.08 32.01
N GLN B 446 -24.61 -11.99 32.69
CA GLN B 446 -25.88 -11.91 33.39
C GLN B 446 -27.02 -11.95 32.38
N ALA B 447 -26.78 -11.39 31.20
CA ALA B 447 -27.81 -11.25 30.18
C ALA B 447 -28.12 -12.53 29.40
N LYS B 448 -27.08 -13.24 28.96
CA LYS B 448 -27.27 -14.41 28.10
C LYS B 448 -27.92 -15.59 28.82
N LEU B 449 -27.90 -15.57 30.14
CA LEU B 449 -28.60 -16.59 30.93
C LEU B 449 -30.09 -16.32 30.96
N VAL B 450 -30.45 -15.03 30.99
CA VAL B 450 -31.85 -14.62 30.97
C VAL B 450 -32.49 -14.97 29.63
N LEU B 451 -31.72 -14.81 28.56
CA LEU B 451 -32.16 -15.17 27.22
C LEU B 451 -32.26 -16.69 27.10
N GLU B 452 -31.47 -17.39 27.90
CA GLU B 452 -31.37 -18.84 27.83
C GLU B 452 -32.60 -19.53 28.40
N SER B 453 -33.22 -18.91 29.40
CA SER B 453 -34.43 -19.46 30.00
C SER B 453 -35.66 -19.17 29.14
N SER B 454 -35.49 -18.29 28.15
CA SER B 454 -36.57 -17.95 27.23
C SER B 454 -36.50 -18.75 25.93
N GLY B 455 -35.49 -19.60 25.82
CA GLY B 455 -35.30 -20.40 24.62
C GLY B 455 -34.49 -19.69 23.55
N LEU B 456 -33.65 -18.74 23.98
CA LEU B 456 -32.78 -18.01 23.07
C LEU B 456 -31.34 -18.03 23.55
N ASP B 457 -30.46 -17.36 22.80
CA ASP B 457 -29.07 -17.18 23.20
C ASP B 457 -28.45 -15.93 22.58
N LEU B 458 -27.19 -15.66 22.90
CA LEU B 458 -26.52 -14.46 22.41
C LEU B 458 -25.35 -14.79 21.47
N LYS B 459 -25.51 -14.47 20.20
CA LYS B 459 -24.46 -14.72 19.20
C LYS B 459 -23.25 -13.80 19.35
N ASP B 460 -23.49 -12.49 19.40
CA ASP B 460 -22.41 -11.51 19.43
C ASP B 460 -22.89 -10.22 20.08
N PHE B 461 -21.95 -9.38 20.51
CA PHE B 461 -22.32 -8.13 21.17
C PHE B 461 -21.28 -7.02 21.00
N THR B 462 -21.70 -5.79 21.25
CA THR B 462 -20.81 -4.63 21.25
C THR B 462 -21.45 -3.54 22.11
N SER B 463 -20.78 -2.40 22.24
CA SER B 463 -21.29 -1.33 23.08
C SER B 463 -20.99 0.07 22.55
N TYR B 464 -21.95 0.98 22.72
CA TYR B 464 -21.81 2.37 22.32
C TYR B 464 -22.44 3.28 23.37
N ALA B 465 -21.72 4.31 23.77
CA ALA B 465 -22.29 5.31 24.68
C ALA B 465 -22.92 6.42 23.88
N ASP B 466 -24.12 6.84 24.26
CA ASP B 466 -24.83 7.85 23.49
C ASP B 466 -24.66 9.18 24.17
N THR B 467 -23.85 10.06 23.58
CA THR B 467 -23.59 11.38 24.14
C THR B 467 -24.46 12.44 23.48
N SER B 468 -25.27 12.02 22.52
CA SER B 468 -26.12 12.93 21.76
C SER B 468 -27.11 13.64 22.66
N THR B 469 -27.70 12.88 23.58
CA THR B 469 -28.69 13.42 24.50
C THR B 469 -28.28 13.18 25.94
N PHE B 470 -28.50 14.18 26.78
CA PHE B 470 -28.32 14.03 28.22
C PHE B 470 -29.66 13.61 28.85
N PRO B 471 -29.63 12.61 29.74
CA PRO B 471 -28.45 11.88 30.21
C PRO B 471 -27.89 10.90 29.18
N GLY B 472 -26.57 10.80 29.12
CA GLY B 472 -25.91 9.84 28.24
C GLY B 472 -26.07 8.43 28.78
N HIS B 473 -26.36 7.48 27.89
CA HIS B 473 -26.59 6.11 28.30
C HIS B 473 -25.83 5.11 27.44
N TYR B 474 -25.49 3.96 28.03
CA TYR B 474 -24.81 2.89 27.31
C TYR B 474 -25.79 2.16 26.39
N VAL B 475 -25.37 1.93 25.15
CA VAL B 475 -26.19 1.19 24.19
C VAL B 475 -25.51 -0.10 23.78
N VAL B 476 -26.14 -1.23 24.06
CA VAL B 476 -25.55 -2.54 23.75
C VAL B 476 -26.32 -3.25 22.63
N TYR B 477 -25.61 -3.57 21.55
CA TYR B 477 -26.23 -4.26 20.43
C TYR B 477 -26.13 -5.77 20.61
N LEU B 478 -27.25 -6.46 20.39
CA LEU B 478 -27.30 -7.92 20.57
C LEU B 478 -27.91 -8.62 19.37
N GLU B 479 -27.27 -9.71 18.93
CA GLU B 479 -27.79 -10.56 17.88
C GLU B 479 -28.15 -11.92 18.48
N VAL B 480 -29.35 -12.40 18.18
CA VAL B 480 -29.86 -13.61 18.84
C VAL B 480 -30.26 -14.71 17.85
N ASP B 481 -30.40 -15.92 18.37
CA ASP B 481 -30.82 -17.06 17.57
C ASP B 481 -31.70 -18.01 18.38
N THR B 482 -32.63 -18.68 17.69
CA THR B 482 -33.55 -19.61 18.34
C THR B 482 -33.05 -21.04 18.31
N LYS B 483 -31.84 -21.23 17.78
CA LYS B 483 -31.21 -22.54 17.65
C LYS B 483 -31.99 -23.44 16.71
N GLN B 492 -42.77 -8.45 14.72
CA GLN B 492 -42.02 -9.22 13.73
C GLN B 492 -42.15 -10.72 13.98
N PHE B 493 -41.03 -11.38 14.27
CA PHE B 493 -41.02 -12.82 14.47
C PHE B 493 -40.34 -13.21 15.78
N GLU B 494 -41.11 -13.83 16.67
CA GLU B 494 -40.59 -14.35 17.94
C GLU B 494 -39.90 -13.30 18.80
N LEU B 495 -40.68 -12.37 19.34
CA LEU B 495 -40.15 -11.34 20.23
C LEU B 495 -40.70 -11.42 21.65
N ASP B 496 -39.78 -11.42 22.63
CA ASP B 496 -40.17 -11.42 24.04
C ASP B 496 -39.79 -10.08 24.68
N GLU B 497 -40.80 -9.30 25.04
CA GLU B 497 -40.58 -7.96 25.58
C GLU B 497 -39.86 -7.99 26.91
N GLU B 498 -40.16 -9.01 27.73
CA GLU B 498 -39.70 -9.06 29.11
C GLU B 498 -38.24 -9.44 29.28
N ALA B 499 -37.79 -10.46 28.55
CA ALA B 499 -36.45 -11.02 28.73
C ALA B 499 -35.33 -9.98 28.57
N LEU B 500 -35.28 -9.33 27.42
CA LEU B 500 -34.22 -8.36 27.14
C LEU B 500 -34.39 -7.06 27.90
N SER B 501 -35.64 -6.69 28.21
CA SER B 501 -35.88 -5.53 29.06
C SER B 501 -35.34 -5.80 30.45
N THR B 502 -35.34 -7.08 30.83
CA THR B 502 -34.74 -7.53 32.07
C THR B 502 -33.22 -7.53 31.92
N CYS B 503 -32.76 -7.92 30.74
CA CYS B 503 -31.34 -7.93 30.43
C CYS B 503 -30.75 -6.53 30.57
N CYS B 504 -31.46 -5.53 30.05
CA CYS B 504 -31.04 -4.13 30.18
C CYS B 504 -30.76 -3.80 31.63
N LEU B 505 -31.64 -4.24 32.51
CA LEU B 505 -31.52 -3.99 33.94
C LEU B 505 -30.43 -4.86 34.57
N VAL B 506 -30.44 -6.15 34.27
CA VAL B 506 -29.54 -7.10 34.93
C VAL B 506 -28.08 -6.83 34.60
N MET B 507 -27.83 -6.15 33.49
CA MET B 507 -26.47 -5.82 33.08
C MET B 507 -25.94 -4.61 33.85
N GLU B 508 -26.86 -3.84 34.43
CA GLU B 508 -26.48 -2.60 35.10
C GLU B 508 -25.78 -2.81 36.44
N GLU B 509 -26.30 -3.72 37.26
CA GLU B 509 -25.73 -3.94 38.59
C GLU B 509 -24.53 -4.87 38.49
N SER B 510 -24.25 -5.32 37.29
CA SER B 510 -23.05 -6.12 37.01
C SER B 510 -21.85 -5.20 36.76
N LEU B 511 -22.10 -3.90 36.69
CA LEU B 511 -21.04 -2.92 36.43
C LEU B 511 -20.50 -2.31 37.72
N ASP B 512 -19.53 -1.41 37.58
CA ASP B 512 -18.91 -0.77 38.74
C ASP B 512 -19.84 0.24 39.39
N ASN B 513 -19.57 0.54 40.66
CA ASN B 513 -20.41 1.45 41.44
C ASN B 513 -20.29 2.89 40.99
N VAL B 514 -19.25 3.17 40.21
CA VAL B 514 -19.05 4.50 39.63
C VAL B 514 -20.21 4.80 38.68
N TYR B 515 -20.61 3.78 37.93
CA TYR B 515 -21.74 3.87 37.03
C TYR B 515 -23.02 4.08 37.81
N LYS B 516 -23.16 3.36 38.91
CA LYS B 516 -24.42 3.34 39.67
C LYS B 516 -24.68 4.62 40.47
N ARG B 517 -23.65 5.41 40.71
CA ARG B 517 -23.84 6.69 41.39
C ARG B 517 -24.38 7.75 40.43
N CYS B 518 -23.86 7.75 39.21
CA CYS B 518 -24.27 8.71 38.20
C CYS B 518 -25.55 8.25 37.48
N ARG B 519 -26.03 7.08 37.87
CA ARG B 519 -27.26 6.51 37.33
C ARG B 519 -28.40 6.76 38.31
N PHE B 520 -28.27 6.19 39.50
CA PHE B 520 -29.30 6.24 40.54
C PHE B 520 -28.84 7.25 41.57
N LYS B 521 -29.78 7.91 42.25
CA LYS B 521 -29.52 9.19 42.90
C LYS B 521 -29.09 10.17 41.83
N ASP B 522 -27.86 10.65 41.87
CA ASP B 522 -27.35 11.58 40.86
C ASP B 522 -27.63 11.02 39.47
N GLY B 523 -28.20 11.87 38.61
CA GLY B 523 -28.73 11.44 37.31
C GLY B 523 -27.90 11.67 36.06
N SER B 524 -26.59 11.80 36.22
CA SER B 524 -25.69 12.06 35.08
C SER B 524 -25.90 11.09 33.91
N ILE B 525 -26.15 9.82 34.21
CA ILE B 525 -26.41 8.82 33.18
C ILE B 525 -27.79 8.18 33.33
N GLY B 526 -28.46 7.94 32.21
CA GLY B 526 -29.79 7.36 32.22
C GLY B 526 -29.79 5.84 32.14
N PRO B 527 -30.97 5.24 31.97
CA PRO B 527 -31.15 3.79 31.89
C PRO B 527 -30.38 3.18 30.72
N LEU B 528 -29.78 2.01 30.95
CA LEU B 528 -29.05 1.30 29.91
C LEU B 528 -30.00 0.84 28.81
N GLU B 529 -29.52 0.85 27.57
CA GLU B 529 -30.34 0.45 26.43
C GLU B 529 -29.74 -0.74 25.70
N ILE B 530 -30.60 -1.66 25.28
CA ILE B 530 -30.18 -2.79 24.44
C ILE B 530 -30.86 -2.74 23.08
N ARG B 531 -30.08 -2.72 22.02
CA ARG B 531 -30.63 -2.66 20.67
C ARG B 531 -30.48 -4.01 19.96
N VAL B 532 -31.61 -4.58 19.55
CA VAL B 532 -31.60 -5.88 18.88
C VAL B 532 -31.38 -5.71 17.39
N VAL B 533 -30.32 -6.34 16.88
CA VAL B 533 -30.01 -6.27 15.45
C VAL B 533 -30.35 -7.59 14.76
N ARG B 534 -30.72 -7.50 13.48
CA ARG B 534 -31.18 -8.68 12.74
C ARG B 534 -30.02 -9.62 12.42
N GLN B 535 -30.34 -10.72 11.75
CA GLN B 535 -29.37 -11.79 11.51
C GLN B 535 -28.23 -11.38 10.58
N GLY B 536 -27.03 -11.88 10.87
CA GLY B 536 -25.86 -11.63 10.05
C GLY B 536 -25.37 -10.20 10.10
N THR B 537 -25.82 -9.45 11.11
CA THR B 537 -25.41 -8.06 11.27
C THR B 537 -23.92 -7.96 11.60
N PHE B 538 -23.49 -8.66 12.63
CA PHE B 538 -22.10 -8.64 13.05
C PHE B 538 -21.18 -9.24 12.00
N ASP B 539 -21.75 -10.08 11.13
CA ASP B 539 -21.01 -10.66 10.02
C ASP B 539 -20.82 -9.61 8.93
N SER B 540 -21.87 -8.83 8.67
CA SER B 540 -21.82 -7.74 7.71
C SER B 540 -20.93 -6.62 8.26
N LEU B 541 -21.02 -6.39 9.56
CA LEU B 541 -20.21 -5.39 10.24
C LEU B 541 -18.74 -5.72 10.13
N MET B 542 -18.41 -6.99 10.28
CA MET B 542 -17.03 -7.46 10.18
C MET B 542 -16.46 -7.18 8.80
N ASP B 543 -17.27 -7.40 7.77
CA ASP B 543 -16.86 -7.17 6.39
C ASP B 543 -16.59 -5.69 6.12
N PHE B 544 -17.27 -4.83 6.88
CA PHE B 544 -17.07 -3.39 6.75
C PHE B 544 -15.66 -2.98 7.17
N PHE B 545 -15.17 -3.57 8.25
CA PHE B 545 -13.84 -3.24 8.75
C PHE B 545 -12.75 -3.67 7.77
N ILE B 546 -12.86 -4.89 7.26
CA ILE B 546 -11.89 -5.43 6.33
C ILE B 546 -11.77 -4.56 5.08
N SER B 547 -12.89 -3.97 4.67
CA SER B 547 -12.92 -3.10 3.51
C SER B 547 -12.32 -1.72 3.82
N GLN B 548 -12.33 -1.37 5.10
CA GLN B 548 -11.79 -0.08 5.54
C GLN B 548 -10.29 -0.15 5.81
N GLY B 549 -9.71 -1.32 5.58
CA GLY B 549 -8.27 -1.50 5.76
C GLY B 549 -7.89 -2.28 7.00
N ALA B 550 -8.88 -2.82 7.69
CA ALA B 550 -8.61 -3.71 8.81
C ALA B 550 -8.29 -5.10 8.28
N SER B 551 -7.44 -5.83 8.99
CA SER B 551 -7.08 -7.19 8.60
C SER B 551 -8.30 -8.09 8.56
N THR B 552 -8.28 -9.07 7.66
CA THR B 552 -9.41 -9.97 7.46
C THR B 552 -9.88 -10.64 8.75
N LYS B 556 -10.98 -8.56 14.43
CA LYS B 556 -11.70 -9.10 15.57
C LYS B 556 -13.06 -8.44 15.73
N THR B 557 -13.57 -8.43 16.96
CA THR B 557 -14.85 -7.81 17.27
C THR B 557 -14.72 -6.89 18.48
N PRO B 558 -14.39 -5.61 18.24
CA PRO B 558 -14.22 -4.63 19.31
C PRO B 558 -15.51 -4.42 20.11
N ARG B 559 -15.38 -4.28 21.43
CA ARG B 559 -16.55 -4.18 22.30
C ARG B 559 -16.94 -2.73 22.56
N CYS B 560 -16.22 -1.80 21.95
CA CYS B 560 -16.54 -0.38 22.05
C CYS B 560 -16.35 0.30 20.70
N ILE B 561 -17.35 1.07 20.28
CA ILE B 561 -17.28 1.71 18.96
C ILE B 561 -17.22 3.24 19.04
N LYS B 562 -16.05 3.77 18.67
CA LYS B 562 -15.84 5.21 18.60
C LYS B 562 -15.98 5.74 17.17
N SER B 563 -16.28 4.83 16.23
CA SER B 563 -16.00 5.07 14.80
C SER B 563 -16.41 6.43 14.19
N GLY B 564 -17.69 6.79 14.10
CA GLY B 564 -18.84 5.97 14.42
C GLY B 564 -19.45 5.43 13.14
N LYS B 565 -18.64 5.37 12.08
CA LYS B 565 -19.09 4.89 10.77
C LYS B 565 -19.53 3.43 10.82
N ALA B 566 -19.12 2.70 11.85
CA ALA B 566 -19.60 1.34 12.07
C ALA B 566 -20.82 1.32 12.97
N LEU B 567 -21.15 2.47 13.54
CA LEU B 567 -22.24 2.56 14.50
C LEU B 567 -23.61 2.50 13.83
N GLN B 568 -23.77 3.26 12.74
CA GLN B 568 -25.07 3.31 12.05
C GLN B 568 -25.32 2.02 11.28
N VAL B 569 -24.25 1.26 11.04
CA VAL B 569 -24.36 -0.06 10.45
C VAL B 569 -25.22 -0.93 11.34
N LEU B 570 -25.01 -0.80 12.64
CA LEU B 570 -25.80 -1.53 13.63
C LEU B 570 -27.18 -0.90 13.78
N GLU B 571 -27.22 0.43 13.79
CA GLU B 571 -28.47 1.18 13.89
C GLU B 571 -29.44 0.79 12.78
N THR B 572 -28.94 0.76 11.55
CA THR B 572 -29.72 0.38 10.39
C THR B 572 -30.39 -0.98 10.60
N CYS B 573 -29.63 -1.92 11.13
CA CYS B 573 -30.11 -3.29 11.30
C CYS B 573 -30.86 -3.53 12.61
N VAL B 574 -31.03 -2.49 13.41
CA VAL B 574 -31.74 -2.66 14.67
C VAL B 574 -33.22 -2.93 14.40
N VAL B 575 -33.69 -4.08 14.89
CA VAL B 575 -35.11 -4.44 14.81
C VAL B 575 -35.95 -3.81 15.92
N ALA B 576 -35.39 -3.76 17.13
CA ALA B 576 -36.13 -3.27 18.29
C ALA B 576 -35.21 -2.67 19.34
N LYS B 577 -35.79 -1.88 20.23
CA LYS B 577 -35.02 -1.19 21.26
C LYS B 577 -35.64 -1.37 22.64
N PHE B 578 -34.81 -1.69 23.63
CA PHE B 578 -35.30 -1.91 25.00
C PHE B 578 -34.43 -1.20 26.03
N PHE B 579 -35.00 -0.91 27.19
CA PHE B 579 -34.34 -0.08 28.19
C PHE B 579 -34.37 -0.64 29.60
N SER B 580 -33.54 -0.04 30.46
CA SER B 580 -33.50 -0.37 31.88
C SER B 580 -34.58 0.41 32.64
N ILE B 581 -34.50 0.39 33.97
CA ILE B 581 -35.46 1.05 34.85
C ILE B 581 -36.83 0.38 34.83
#